data_4XHX
#
_entry.id   4XHX
#
_cell.length_a   76.469
_cell.length_b   82.709
_cell.length_c   117.032
_cell.angle_alpha   90.000
_cell.angle_beta   90.000
_cell.angle_gamma   90.000
#
_symmetry.space_group_name_H-M   'P 21 21 21'
#
loop_
_entity.id
_entity.type
_entity.pdbx_description
1 polymer 'Sialidase B'
2 non-polymer '2-[(3-chlorobenzyl)amino]ethanesulfonic acid'
3 non-polymer '(1s,3R,4S)-1-[(cyclohexylamino)methyl]-3,4-dihydroxycyclopentanesulfonic acid'
4 non-polymer 'DIMETHYL SULFOXIDE'
5 water water
#
_entity_poly.entity_id   1
_entity_poly.type   'polypeptide(L)'
_entity_poly.pdbx_seq_one_letter_code
;ISPIFQGGSYQLNNKSIDISSLLLDKLSGESQTVVMKFKADKPNSLQALFGLSNSKAGFKNNYFSIFMRDSGEIGVEIRD
AQKGINYLFSRPASLWGKHKGQAVENTLVFVSDSKDKTYTMYVNGIEVFSETVDTFLPISNINGIDKATLGAVNREGKEH
YLAKGSIDEISLFNKAISDQEVSTIPLSNPFQLIFQSGDSTQANYFRIPTLYTLSSGRVLSSIDARYGGTHDSKSKINIA
TSYSDDNGKTWSEPIFAMKFNDYEEQLVYWPRDNKLKNSQISGSASFIDSSIVEDKKSGKTILLADVMPAGIGNNNANKA
DSGFKEINGHYYLKLKKNGDNDFRYTVRENGVVYNETTNKPTNYTINDKYEVLEGGKSLTVEQYSVDFDSGSLRERHNGK
QVPMNVFYKDSLFKVTPTNYIAMTTSQNRGESWEQFKLLPPFLGEKHNGTYLCPGQGLALKSSNRLIFATYTSGELTYLI
SDDSGQTWKKSSASIPFKNATAEAQMVELRDGVIRTFFRTTTGKIAYMTSRDSGETWSKVSYIDGIQQTSYGTQVSAIKY
SQLIDGKEAVILSTPNSRSGRKGGQLVVGLVNKEDDSIDWKYHYGIDLPSYGYAYSAITELPNHHIGVLFEKYDSWSRNE
LHLSNVVQYIDLEINDLT
;
_entity_poly.pdbx_strand_id   A
#
loop_
_chem_comp.id
_chem_comp.type
_chem_comp.name
_chem_comp.formula
DMS non-polymer 'DIMETHYL SULFOXIDE' 'C2 H6 O S'
JKK non-polymer '2-[(3-chlorobenzyl)amino]ethanesulfonic acid' 'C9 H12 Cl N O3 S'
OPX non-polymer '(1s,3R,4S)-1-[(cyclohexylamino)methyl]-3,4-dihydroxycyclopentanesulfonic acid' 'C12 H23 N O5 S'
#
# COMPACT_ATOMS: atom_id res chain seq x y z
N ILE A 1 23.62 -21.60 18.14
CA ILE A 1 25.02 -21.33 18.44
C ILE A 1 25.16 -20.05 19.26
N SER A 2 26.20 -19.99 20.08
CA SER A 2 26.53 -18.80 20.87
C SER A 2 27.27 -17.78 19.99
N PRO A 3 27.12 -16.49 20.31
CA PRO A 3 27.85 -15.44 19.58
C PRO A 3 29.36 -15.52 19.83
N ILE A 4 30.17 -15.23 18.81
CA ILE A 4 31.62 -15.15 18.98
C ILE A 4 31.99 -13.80 19.56
N PHE A 5 31.03 -12.88 19.54
CA PHE A 5 31.22 -11.52 20.04
C PHE A 5 29.87 -10.92 20.35
N GLN A 6 29.80 -10.21 21.47
CA GLN A 6 28.58 -9.55 21.90
C GLN A 6 28.98 -8.29 22.65
N GLY A 7 28.34 -7.18 22.31
CA GLY A 7 28.61 -5.90 22.94
C GLY A 7 27.39 -5.01 22.88
N GLY A 8 27.39 -3.91 23.64
CA GLY A 8 26.20 -3.09 23.71
C GLY A 8 26.39 -1.71 24.28
N SER A 9 25.29 -0.94 24.30
CA SER A 9 25.28 0.50 24.62
C SER A 9 26.41 1.33 24.01
N TYR A 10 26.61 1.20 22.70
CA TYR A 10 27.54 2.07 21.98
C TYR A 10 26.83 3.33 21.50
N GLN A 11 27.41 4.48 21.82
CA GLN A 11 26.86 5.74 21.34
C GLN A 11 27.66 6.18 20.12
N LEU A 12 26.97 6.41 19.01
CA LEU A 12 27.64 6.86 17.79
C LEU A 12 27.38 8.36 17.64
N ASN A 13 28.30 9.17 18.12
CA ASN A 13 28.12 10.60 18.06
C ASN A 13 29.14 11.18 17.10
N ASN A 14 28.97 10.84 15.83
CA ASN A 14 29.89 11.25 14.77
C ASN A 14 31.35 10.98 15.13
N LYS A 15 31.59 9.83 15.74
CA LYS A 15 32.95 9.38 16.04
C LYS A 15 32.94 7.86 16.12
N SER A 16 33.74 7.22 15.28
CA SER A 16 33.73 5.76 15.20
C SER A 16 34.27 5.11 16.47
N ILE A 17 33.84 3.87 16.70
CA ILE A 17 34.32 3.09 17.82
C ILE A 17 35.06 1.87 17.25
N ASP A 18 36.28 1.69 17.74
CA ASP A 18 37.12 0.58 17.29
C ASP A 18 36.90 -0.65 18.17
N ILE A 19 36.53 -1.76 17.53
CA ILE A 19 36.32 -3.03 18.21
C ILE A 19 37.17 -4.09 17.52
N SER A 20 38.27 -3.65 16.90
CA SER A 20 39.14 -4.55 16.16
C SER A 20 39.66 -5.69 17.04
N SER A 21 40.28 -5.35 18.15
CA SER A 21 40.89 -6.34 19.03
C SER A 21 39.87 -7.28 19.67
N LEU A 22 38.66 -6.79 19.87
CA LEU A 22 37.61 -7.66 20.43
C LEU A 22 37.12 -8.68 19.40
N LEU A 23 37.06 -8.28 18.13
CA LEU A 23 36.30 -9.05 17.16
C LEU A 23 37.08 -9.80 16.08
N LEU A 24 38.10 -9.15 15.52
CA LEU A 24 38.75 -9.65 14.31
C LEU A 24 39.31 -11.05 14.41
N ASP A 25 39.88 -11.39 15.57
CA ASP A 25 40.47 -12.71 15.73
C ASP A 25 39.45 -13.78 16.10
N LYS A 26 38.18 -13.38 16.25
CA LYS A 26 37.10 -14.31 16.57
C LYS A 26 36.41 -14.79 15.28
N LEU A 27 36.53 -13.99 14.23
CA LEU A 27 35.90 -14.33 12.96
C LEU A 27 36.62 -15.50 12.32
N SER A 28 35.88 -16.53 11.93
CA SER A 28 36.49 -17.62 11.20
C SER A 28 35.47 -18.39 10.40
N GLY A 29 35.93 -19.05 9.34
CA GLY A 29 35.02 -19.70 8.42
C GLY A 29 34.38 -18.68 7.48
N GLU A 30 33.62 -19.18 6.52
CA GLU A 30 33.14 -18.33 5.43
C GLU A 30 31.70 -17.82 5.56
N SER A 31 30.99 -18.21 6.62
CA SER A 31 29.61 -17.76 6.82
C SER A 31 29.48 -16.97 8.12
N GLN A 32 28.76 -15.86 8.08
CA GLN A 32 28.60 -15.03 9.28
C GLN A 32 27.17 -14.49 9.45
N THR A 33 26.78 -14.22 10.68
CA THR A 33 25.50 -13.58 10.97
C THR A 33 25.70 -12.41 11.90
N VAL A 34 25.22 -11.24 11.48
CA VAL A 34 25.27 -10.04 12.31
C VAL A 34 23.87 -9.75 12.83
N VAL A 35 23.77 -9.60 14.15
CA VAL A 35 22.51 -9.22 14.79
C VAL A 35 22.75 -7.92 15.54
N MET A 36 21.99 -6.90 15.20
CA MET A 36 22.25 -5.55 15.68
C MET A 36 20.94 -4.84 16.01
N LYS A 37 20.81 -4.40 17.26
CA LYS A 37 19.67 -3.61 17.71
C LYS A 37 20.14 -2.18 17.81
N PHE A 38 19.48 -1.28 17.08
CA PHE A 38 20.05 0.05 16.90
C PHE A 38 19.01 1.15 16.78
N LYS A 39 19.39 2.34 17.22
CA LYS A 39 18.55 3.51 17.07
C LYS A 39 19.23 4.57 16.23
N ALA A 40 18.45 5.24 15.37
CA ALA A 40 18.92 6.42 14.68
C ALA A 40 17.73 7.32 14.38
N ASP A 41 17.48 8.29 15.25
CA ASP A 41 16.34 9.17 15.07
C ASP A 41 16.76 10.52 14.53
N LYS A 42 18.07 10.71 14.41
CA LYS A 42 18.62 11.88 13.71
C LYS A 42 19.81 11.46 12.87
N PRO A 43 19.59 10.57 11.89
CA PRO A 43 20.72 10.04 11.12
C PRO A 43 21.34 11.10 10.22
N ASN A 44 22.62 10.94 9.89
CA ASN A 44 23.24 11.71 8.82
C ASN A 44 22.74 11.20 7.47
N SER A 45 23.03 11.95 6.40
CA SER A 45 22.54 11.59 5.06
C SER A 45 22.88 10.15 4.67
N LEU A 46 24.12 9.76 4.93
CA LEU A 46 24.58 8.41 4.65
C LEU A 46 25.49 8.03 5.79
N GLN A 47 25.22 6.92 6.45
CA GLN A 47 26.12 6.52 7.54
C GLN A 47 26.28 5.01 7.67
N ALA A 48 27.47 4.59 8.08
CA ALA A 48 27.72 3.18 8.30
C ALA A 48 27.54 2.84 9.77
N LEU A 49 26.77 1.79 10.03
CA LEU A 49 26.56 1.31 11.38
C LEU A 49 27.71 0.40 11.80
N PHE A 50 28.16 -0.44 10.90
CA PHE A 50 29.15 -1.46 11.20
C PHE A 50 30.07 -1.63 10.01
N GLY A 51 31.37 -1.74 10.28
CA GLY A 51 32.36 -1.87 9.23
C GLY A 51 33.44 -2.89 9.53
N LEU A 52 33.86 -3.61 8.49
CA LEU A 52 35.10 -4.38 8.48
C LEU A 52 35.89 -3.87 7.29
N SER A 53 37.13 -3.47 7.50
CA SER A 53 37.89 -2.88 6.39
C SER A 53 39.38 -3.18 6.44
N ASN A 54 39.99 -3.13 5.27
CA ASN A 54 41.43 -2.96 5.17
C ASN A 54 41.68 -1.46 5.25
N SER A 55 42.28 -1.01 6.35
CA SER A 55 42.42 0.43 6.56
C SER A 55 43.71 1.00 5.99
N LYS A 56 44.47 0.18 5.27
CA LYS A 56 45.80 0.56 4.79
C LYS A 56 45.80 1.37 3.50
N ALA A 57 46.86 2.17 3.34
CA ALA A 57 47.02 3.03 2.16
C ALA A 57 46.88 2.22 0.88
N GLY A 58 46.07 2.70 -0.05
CA GLY A 58 45.89 2.01 -1.31
C GLY A 58 44.89 0.85 -1.32
N PHE A 59 44.12 0.69 -0.26
CA PHE A 59 43.11 -0.38 -0.22
C PHE A 59 41.74 0.15 0.20
N LYS A 60 41.41 1.36 -0.27
CA LYS A 60 40.21 2.06 0.14
C LYS A 60 38.93 1.33 -0.24
N ASN A 61 39.03 0.45 -1.24
CA ASN A 61 37.85 -0.26 -1.72
C ASN A 61 37.84 -1.72 -1.27
N ASN A 62 38.44 -1.97 -0.11
CA ASN A 62 38.44 -3.29 0.51
C ASN A 62 37.75 -3.20 1.84
N TYR A 63 36.43 -3.35 1.83
CA TYR A 63 35.68 -3.27 3.07
C TYR A 63 34.31 -3.93 2.99
N PHE A 64 33.81 -4.30 4.16
CA PHE A 64 32.41 -4.66 4.34
C PHE A 64 31.75 -3.62 5.22
N SER A 65 30.54 -3.23 4.86
CA SER A 65 29.79 -2.29 5.68
C SER A 65 28.28 -2.58 5.69
N ILE A 66 27.65 -2.18 6.77
CA ILE A 66 26.21 -2.10 6.84
C ILE A 66 25.92 -0.61 6.97
N PHE A 67 25.23 -0.06 5.98
CA PHE A 67 24.96 1.38 5.96
C PHE A 67 23.46 1.65 5.93
N MET A 68 23.09 2.88 6.27
CA MET A 68 21.74 3.35 6.12
C MET A 68 21.76 4.78 5.55
N ARG A 69 20.62 5.21 4.99
CA ARG A 69 20.46 6.59 4.50
C ARG A 69 19.35 7.26 5.30
N ASP A 70 19.32 8.60 5.29
CA ASP A 70 18.27 9.30 6.04
C ASP A 70 16.88 9.13 5.41
N SER A 71 16.82 8.43 4.29
CA SER A 71 15.56 8.07 3.65
C SER A 71 14.94 6.83 4.29
N GLY A 72 15.69 6.16 5.16
CA GLY A 72 15.23 4.90 5.72
C GLY A 72 15.73 3.66 4.97
N GLU A 73 16.52 3.88 3.92
CA GLU A 73 17.13 2.79 3.19
C GLU A 73 18.18 2.09 4.05
N ILE A 74 18.25 0.77 3.95
CA ILE A 74 19.30 -0.04 4.56
C ILE A 74 20.04 -0.82 3.47
N GLY A 75 21.33 -1.07 3.67
CA GLY A 75 22.06 -1.95 2.78
C GLY A 75 23.43 -2.40 3.27
N VAL A 76 24.13 -3.17 2.45
CA VAL A 76 25.52 -3.52 2.70
C VAL A 76 26.37 -3.28 1.47
N GLU A 77 27.67 -3.09 1.71
CA GLU A 77 28.68 -3.17 0.66
C GLU A 77 29.68 -4.28 1.01
N ILE A 78 30.05 -5.08 0.02
CA ILE A 78 31.10 -6.07 0.18
C ILE A 78 32.08 -5.91 -0.98
N ARG A 79 33.28 -5.42 -0.66
CA ARG A 79 34.21 -4.95 -1.68
C ARG A 79 35.61 -5.48 -1.44
N ASP A 80 36.22 -5.98 -2.52
CA ASP A 80 37.60 -6.47 -2.49
C ASP A 80 38.19 -6.19 -3.87
N ALA A 81 39.12 -5.24 -3.93
CA ALA A 81 39.69 -4.78 -5.20
C ALA A 81 40.46 -5.88 -5.94
N GLN A 82 41.15 -6.72 -5.19
CA GLN A 82 42.00 -7.74 -5.77
C GLN A 82 41.12 -8.77 -6.47
N LYS A 83 40.00 -9.10 -5.83
CA LYS A 83 39.06 -10.06 -6.40
C LYS A 83 38.19 -9.40 -7.47
N GLY A 84 38.29 -8.08 -7.60
CA GLY A 84 37.45 -7.35 -8.53
C GLY A 84 35.97 -7.39 -8.18
N ILE A 85 35.68 -7.49 -6.88
CA ILE A 85 34.30 -7.58 -6.38
C ILE A 85 33.83 -6.28 -5.72
N ASN A 86 32.70 -5.75 -6.18
CA ASN A 86 32.07 -4.60 -5.53
C ASN A 86 30.56 -4.81 -5.39
N TYR A 87 30.15 -5.58 -4.38
CA TYR A 87 28.75 -5.89 -4.21
C TYR A 87 28.07 -4.78 -3.41
N LEU A 88 26.90 -4.37 -3.88
CA LEU A 88 26.11 -3.35 -3.22
C LEU A 88 24.66 -3.85 -3.21
N PHE A 89 24.15 -4.19 -2.03
CA PHE A 89 22.77 -4.64 -1.90
C PHE A 89 22.05 -3.75 -0.90
N SER A 90 20.80 -3.44 -1.19
CA SER A 90 20.06 -2.52 -0.35
C SER A 90 18.56 -2.54 -0.64
N ARG A 91 17.79 -1.97 0.28
CA ARG A 91 16.37 -1.69 0.05
C ARG A 91 15.94 -0.41 0.75
N PRO A 92 15.26 0.47 -0.01
CA PRO A 92 14.68 1.70 0.54
C PRO A 92 13.64 1.39 1.60
N ALA A 93 13.29 2.41 2.40
CA ALA A 93 12.16 2.34 3.31
C ALA A 93 12.14 1.05 4.13
N SER A 94 13.26 0.74 4.81
CA SER A 94 13.38 -0.47 5.60
C SER A 94 13.40 -0.20 7.11
N LEU A 95 13.45 1.06 7.50
CA LEU A 95 13.72 1.42 8.90
C LEU A 95 12.61 2.24 9.56
N TRP A 96 12.55 2.18 10.89
CA TRP A 96 11.83 3.18 11.69
C TRP A 96 12.79 4.15 12.37
N GLY A 97 12.35 5.38 12.56
CA GLY A 97 13.15 6.37 13.25
C GLY A 97 12.63 6.70 14.64
N LYS A 98 11.39 7.20 14.73
CA LYS A 98 10.76 7.58 15.99
C LYS A 98 9.31 7.12 16.01
N HIS A 99 8.81 6.83 17.20
CA HIS A 99 7.41 6.45 17.42
C HIS A 99 6.96 7.01 18.75
N LYS A 100 5.87 7.80 18.73
CA LYS A 100 5.43 8.56 19.89
C LYS A 100 6.58 9.41 20.42
N GLY A 101 7.30 10.05 19.50
CA GLY A 101 8.43 10.91 19.85
C GLY A 101 9.67 10.23 20.43
N GLN A 102 9.68 8.90 20.45
CA GLN A 102 10.78 8.13 21.05
C GLN A 102 11.52 7.34 19.98
N ALA A 103 12.85 7.40 20.01
CA ALA A 103 13.70 6.66 19.09
C ALA A 103 13.34 5.18 19.06
N VAL A 104 13.09 4.64 17.87
CA VAL A 104 12.76 3.22 17.76
C VAL A 104 14.01 2.34 17.77
N GLU A 105 13.95 1.25 18.54
CA GLU A 105 14.98 0.25 18.49
C GLU A 105 14.70 -0.70 17.33
N ASN A 106 15.45 -0.54 16.25
CA ASN A 106 15.36 -1.40 15.07
C ASN A 106 16.16 -2.68 15.30
N THR A 107 15.60 -3.80 14.87
CA THR A 107 16.32 -5.06 14.99
C THR A 107 16.78 -5.54 13.61
N LEU A 108 18.10 -5.54 13.41
CA LEU A 108 18.69 -5.87 12.12
C LEU A 108 19.36 -7.23 12.16
N VAL A 109 19.06 -8.07 11.17
CA VAL A 109 19.70 -9.37 11.05
C VAL A 109 20.25 -9.51 9.65
N PHE A 110 21.57 -9.63 9.54
CA PHE A 110 22.19 -9.83 8.24
C PHE A 110 22.89 -11.19 8.18
N VAL A 111 22.49 -12.01 7.21
CA VAL A 111 23.06 -13.36 7.06
C VAL A 111 23.94 -13.48 5.81
N SER A 112 25.19 -13.84 6.03
CA SER A 112 26.15 -14.06 4.93
C SER A 112 26.46 -15.54 4.82
N ASP A 113 25.89 -16.18 3.81
CA ASP A 113 25.85 -17.65 3.74
C ASP A 113 26.66 -18.17 2.58
N SER A 114 27.85 -18.69 2.87
CA SER A 114 28.75 -19.21 1.84
C SER A 114 28.20 -20.45 1.13
N LYS A 115 27.53 -21.33 1.87
CA LYS A 115 27.01 -22.56 1.25
C LYS A 115 25.97 -22.28 0.16
N ASP A 116 25.06 -21.35 0.41
CA ASP A 116 24.06 -20.97 -0.58
C ASP A 116 24.49 -19.77 -1.43
N LYS A 117 25.65 -19.20 -1.13
CA LYS A 117 26.17 -18.02 -1.83
C LYS A 117 25.18 -16.86 -1.82
N THR A 118 24.55 -16.65 -0.67
CA THR A 118 23.45 -15.71 -0.55
C THR A 118 23.64 -14.78 0.65
N TYR A 119 23.37 -13.50 0.44
CA TYR A 119 23.39 -12.52 1.51
C TYR A 119 21.94 -12.11 1.74
N THR A 120 21.50 -12.14 2.99
CA THR A 120 20.11 -11.87 3.31
C THR A 120 20.00 -10.89 4.46
N MET A 121 19.10 -9.91 4.32
CA MET A 121 18.93 -8.87 5.30
C MET A 121 17.49 -8.84 5.81
N TYR A 122 17.37 -8.81 7.13
CA TYR A 122 16.09 -8.63 7.78
C TYR A 122 16.17 -7.36 8.60
N VAL A 123 15.08 -6.60 8.62
CA VAL A 123 14.96 -5.50 9.56
C VAL A 123 13.57 -5.52 10.22
N ASN A 124 13.55 -5.52 11.55
CA ASN A 124 12.29 -5.53 12.30
C ASN A 124 11.37 -6.71 11.95
N GLY A 125 12.00 -7.85 11.64
CA GLY A 125 11.30 -9.08 11.34
C GLY A 125 10.90 -9.22 9.88
N ILE A 126 11.35 -8.29 9.05
CA ILE A 126 10.97 -8.28 7.65
C ILE A 126 12.20 -8.53 6.78
N GLU A 127 12.11 -9.51 5.89
CA GLU A 127 13.19 -9.72 4.94
C GLU A 127 13.11 -8.61 3.90
N VAL A 128 14.18 -7.82 3.77
CA VAL A 128 14.14 -6.70 2.84
C VAL A 128 14.95 -6.95 1.55
N PHE A 129 15.92 -7.86 1.63
CA PHE A 129 16.55 -8.35 0.43
C PHE A 129 17.21 -9.71 0.64
N SER A 130 17.30 -10.46 -0.44
CA SER A 130 18.00 -11.74 -0.43
C SER A 130 18.69 -11.89 -1.78
N GLU A 131 20.02 -11.81 -1.78
CA GLU A 131 20.75 -11.80 -3.05
C GLU A 131 21.72 -12.97 -3.18
N THR A 132 21.58 -13.73 -4.26
CA THR A 132 22.47 -14.86 -4.54
C THR A 132 23.49 -14.43 -5.60
N VAL A 133 24.76 -14.79 -5.40
CA VAL A 133 25.80 -14.38 -6.33
C VAL A 133 26.54 -15.57 -6.94
N ASP A 134 27.19 -15.34 -8.08
CA ASP A 134 28.01 -16.36 -8.72
C ASP A 134 29.28 -16.61 -7.90
N THR A 135 29.97 -15.52 -7.59
CA THR A 135 31.21 -15.57 -6.84
C THR A 135 30.98 -15.00 -5.45
N PHE A 136 30.96 -15.86 -4.45
CA PHE A 136 30.69 -15.43 -3.08
C PHE A 136 31.92 -14.79 -2.44
N LEU A 137 31.68 -13.74 -1.66
CA LEU A 137 32.74 -13.08 -0.90
C LEU A 137 32.40 -13.10 0.58
N PRO A 138 33.02 -14.02 1.35
CA PRO A 138 32.84 -14.05 2.80
C PRO A 138 33.26 -12.71 3.34
N ILE A 139 32.53 -12.19 4.31
CA ILE A 139 32.75 -10.82 4.77
C ILE A 139 34.11 -10.63 5.44
N SER A 140 34.72 -11.71 5.91
CA SER A 140 36.03 -11.59 6.53
C SER A 140 37.16 -12.15 5.67
N ASN A 141 36.84 -12.56 4.44
CA ASN A 141 37.86 -12.96 3.47
C ASN A 141 38.30 -11.82 2.55
N ILE A 142 37.91 -10.60 2.90
CA ILE A 142 38.35 -9.43 2.16
C ILE A 142 39.85 -9.22 2.38
N ASN A 143 40.63 -9.12 1.30
CA ASN A 143 42.08 -8.95 1.42
C ASN A 143 42.54 -7.85 2.38
N GLY A 144 43.26 -8.23 3.44
CA GLY A 144 43.92 -7.27 4.31
C GLY A 144 43.07 -6.57 5.35
N ILE A 145 41.93 -7.16 5.70
CA ILE A 145 41.08 -6.59 6.75
C ILE A 145 41.86 -6.46 8.05
N ASP A 146 41.86 -5.26 8.62
CA ASP A 146 42.59 -5.03 9.85
C ASP A 146 41.82 -4.15 10.83
N LYS A 147 40.57 -3.81 10.52
CA LYS A 147 39.75 -3.01 11.43
C LYS A 147 38.33 -3.54 11.52
N ALA A 148 37.78 -3.50 12.73
CA ALA A 148 36.34 -3.70 12.92
C ALA A 148 35.84 -2.44 13.57
N THR A 149 34.83 -1.84 12.96
CA THR A 149 34.40 -0.49 13.32
C THR A 149 32.89 -0.36 13.48
N LEU A 150 32.47 0.35 14.53
CA LEU A 150 31.07 0.76 14.65
C LEU A 150 30.93 2.26 14.37
N GLY A 151 29.94 2.62 13.58
CA GLY A 151 29.62 4.03 13.36
C GLY A 151 30.49 4.72 12.32
N ALA A 152 31.28 3.94 11.59
CA ALA A 152 32.02 4.43 10.42
C ALA A 152 32.65 3.27 9.64
N VAL A 153 33.30 3.59 8.53
CA VAL A 153 34.19 2.63 7.90
C VAL A 153 35.55 3.30 7.82
N ASN A 154 36.59 2.61 8.30
CA ASN A 154 37.95 3.14 8.25
C ASN A 154 38.58 2.86 6.89
N ARG A 155 38.72 3.91 6.07
CA ARG A 155 39.38 3.76 4.78
C ARG A 155 40.63 4.62 4.76
N GLU A 156 41.76 3.97 4.52
CA GLU A 156 43.07 4.62 4.54
C GLU A 156 43.29 5.46 5.79
N GLY A 157 42.88 4.93 6.94
CA GLY A 157 43.09 5.64 8.19
C GLY A 157 42.11 6.74 8.55
N LYS A 158 41.12 6.99 7.68
CA LYS A 158 40.13 8.02 7.96
C LYS A 158 38.70 7.51 8.12
N GLU A 159 37.88 8.24 8.87
CA GLU A 159 36.51 7.83 9.16
C GLU A 159 35.56 8.20 8.02
N HIS A 160 35.06 7.22 7.29
CA HIS A 160 34.09 7.48 6.22
C HIS A 160 32.70 7.08 6.70
N TYR A 161 31.68 7.75 6.19
CA TYR A 161 30.30 7.36 6.47
C TYR A 161 29.99 7.43 7.98
N LEU A 162 30.52 8.46 8.64
CA LEU A 162 30.30 8.67 10.07
C LEU A 162 28.81 8.63 10.45
N ALA A 163 28.50 7.86 11.49
CA ALA A 163 27.12 7.71 11.95
C ALA A 163 26.76 8.56 13.14
N LYS A 164 25.47 8.92 13.19
CA LYS A 164 24.85 9.47 14.37
C LYS A 164 23.70 8.53 14.75
N GLY A 165 23.78 7.93 15.93
CA GLY A 165 22.76 7.03 16.40
C GLY A 165 23.30 6.27 17.59
N SER A 166 22.74 5.10 17.87
CA SER A 166 23.27 4.22 18.91
C SER A 166 23.07 2.78 18.54
N ILE A 167 23.97 1.93 19.01
CA ILE A 167 23.83 0.48 18.91
C ILE A 167 23.66 -0.10 20.29
N ASP A 168 22.43 -0.43 20.64
CA ASP A 168 22.14 -0.93 21.97
C ASP A 168 22.72 -2.34 22.13
N GLU A 169 22.72 -3.11 21.03
CA GLU A 169 23.23 -4.47 21.05
C GLU A 169 23.80 -4.87 19.69
N ILE A 170 24.91 -5.60 19.73
CA ILE A 170 25.44 -6.21 18.51
C ILE A 170 26.06 -7.57 18.83
N SER A 171 25.70 -8.56 18.02
CA SER A 171 26.22 -9.92 18.16
C SER A 171 26.69 -10.38 16.81
N LEU A 172 27.81 -11.10 16.76
CA LEU A 172 28.23 -11.79 15.55
C LEU A 172 28.35 -13.29 15.75
N PHE A 173 28.01 -14.03 14.70
CA PHE A 173 28.01 -15.49 14.76
C PHE A 173 28.85 -16.02 13.61
N ASN A 174 29.67 -17.04 13.86
CA ASN A 174 30.38 -17.72 12.78
C ASN A 174 29.51 -18.81 12.15
N LYS A 175 28.35 -18.40 11.66
CA LYS A 175 27.39 -19.32 11.09
C LYS A 175 26.36 -18.48 10.37
N ALA A 176 25.81 -19.02 9.29
CA ALA A 176 24.62 -18.42 8.68
C ALA A 176 23.41 -19.08 9.34
N ILE A 177 22.71 -18.34 10.20
CA ILE A 177 21.56 -18.93 10.89
C ILE A 177 20.35 -19.10 9.95
N SER A 178 19.55 -20.13 10.21
CA SER A 178 18.42 -20.43 9.34
C SER A 178 17.35 -19.34 9.42
N ASP A 179 16.44 -19.36 8.46
CA ASP A 179 15.30 -18.46 8.52
C ASP A 179 14.46 -18.74 9.78
N GLN A 180 14.41 -20.01 10.18
CA GLN A 180 13.70 -20.40 11.40
C GLN A 180 14.33 -19.75 12.62
N GLU A 181 15.65 -19.81 12.69
CA GLU A 181 16.37 -19.20 13.80
C GLU A 181 16.16 -17.69 13.85
N VAL A 182 16.16 -17.05 12.67
CA VAL A 182 15.92 -15.61 12.59
C VAL A 182 14.58 -15.24 13.22
N SER A 183 13.54 -16.03 12.97
CA SER A 183 12.20 -15.72 13.46
C SER A 183 12.07 -15.76 14.99
N THR A 184 13.00 -16.42 15.68
CA THR A 184 12.97 -16.49 17.14
C THR A 184 13.69 -15.31 17.82
N ILE A 185 14.36 -14.48 17.04
CA ILE A 185 15.04 -13.28 17.56
C ILE A 185 14.02 -12.26 18.03
N PRO A 186 14.09 -11.84 19.31
CA PRO A 186 13.08 -10.88 19.81
C PRO A 186 13.13 -9.51 19.14
N LEU A 187 11.97 -8.90 18.94
CA LEU A 187 11.89 -7.61 18.24
C LEU A 187 11.26 -6.57 19.13
N SER A 188 11.50 -5.31 18.83
CA SER A 188 10.86 -4.24 19.56
C SER A 188 10.14 -3.39 18.54
N ASN A 189 9.24 -3.99 17.77
CA ASN A 189 8.58 -3.25 16.69
C ASN A 189 7.53 -2.29 17.21
N PRO A 190 7.51 -1.07 16.66
CA PRO A 190 6.47 -0.14 17.06
C PRO A 190 5.18 -0.35 16.27
N PHE A 191 5.18 -1.31 15.34
CA PHE A 191 4.10 -1.48 14.35
C PHE A 191 3.67 -2.93 14.22
N GLN A 192 2.53 -3.15 13.58
CA GLN A 192 2.02 -4.49 13.27
C GLN A 192 1.80 -4.63 11.77
N LEU A 193 1.72 -5.88 11.30
CA LEU A 193 1.26 -6.18 9.97
C LEU A 193 -0.15 -6.76 10.01
N ILE A 194 -1.05 -6.22 9.20
CA ILE A 194 -2.36 -6.81 9.00
C ILE A 194 -2.27 -7.69 7.77
N PHE A 195 -1.81 -7.09 6.68
CA PHE A 195 -1.53 -7.83 5.46
C PHE A 195 -0.04 -7.94 5.29
N GLN A 196 0.41 -9.10 4.81
CA GLN A 196 1.84 -9.35 4.69
C GLN A 196 2.15 -10.46 3.68
N SER A 197 3.33 -10.38 3.11
CA SER A 197 3.83 -11.38 2.17
C SER A 197 3.70 -12.76 2.76
N GLY A 198 3.14 -13.69 2.00
CA GLY A 198 3.06 -15.08 2.42
C GLY A 198 1.75 -15.37 3.12
N ASP A 199 0.97 -14.33 3.43
CA ASP A 199 -0.34 -14.57 4.03
C ASP A 199 -1.30 -15.22 3.03
N SER A 200 -2.58 -15.32 3.39
CA SER A 200 -3.57 -16.02 2.57
C SER A 200 -3.82 -15.41 1.18
N THR A 201 -3.47 -14.14 0.98
CA THR A 201 -3.72 -13.52 -0.31
C THR A 201 -2.71 -14.00 -1.32
N GLN A 202 -1.55 -14.43 -0.82
CA GLN A 202 -0.40 -14.75 -1.67
C GLN A 202 0.03 -13.60 -2.59
N ALA A 203 -0.33 -12.38 -2.23
CA ALA A 203 0.24 -11.20 -2.88
C ALA A 203 1.51 -10.84 -2.14
N ASN A 204 2.56 -10.51 -2.88
CA ASN A 204 3.81 -10.10 -2.26
C ASN A 204 3.81 -8.61 -1.94
N TYR A 205 2.84 -7.89 -2.50
CA TYR A 205 2.75 -6.43 -2.37
C TYR A 205 1.34 -5.96 -2.00
N PHE A 206 1.26 -4.82 -1.32
CA PHE A 206 -0.02 -4.24 -0.94
C PHE A 206 0.03 -2.72 -1.05
N ARG A 207 -1.09 -2.14 -1.43
CA ARG A 207 -1.24 -0.69 -1.43
C ARG A 207 -2.69 -0.34 -1.11
N ILE A 208 -2.93 0.95 -0.90
CA ILE A 208 -4.28 1.48 -0.74
C ILE A 208 -5.04 0.89 0.48
N PRO A 209 -4.49 1.05 1.70
CA PRO A 209 -5.16 0.57 2.91
C PRO A 209 -6.43 1.33 3.22
N THR A 210 -7.41 0.65 3.80
CA THR A 210 -8.58 1.28 4.42
C THR A 210 -8.79 0.77 5.84
N LEU A 211 -9.49 1.57 6.65
CA LEU A 211 -9.89 1.16 8.00
C LEU A 211 -11.25 1.74 8.28
N TYR A 212 -12.10 0.95 8.94
CA TYR A 212 -13.45 1.36 9.30
C TYR A 212 -13.93 0.66 10.58
N THR A 213 -14.47 1.43 11.52
CA THR A 213 -14.92 0.89 12.79
C THR A 213 -16.43 0.57 12.78
N LEU A 214 -16.77 -0.71 12.90
CA LEU A 214 -18.15 -1.15 12.79
C LEU A 214 -18.90 -1.03 14.12
N SER A 215 -20.22 -1.03 14.07
CA SER A 215 -21.03 -0.81 15.27
C SER A 215 -20.82 -1.86 16.37
N SER A 216 -20.46 -3.08 15.98
CA SER A 216 -20.22 -4.15 16.96
C SER A 216 -18.90 -3.95 17.72
N GLY A 217 -18.08 -3.03 17.23
CA GLY A 217 -16.75 -2.84 17.81
C GLY A 217 -15.67 -3.53 16.99
N ARG A 218 -16.07 -4.37 16.04
CA ARG A 218 -15.13 -4.95 15.11
C ARG A 218 -14.55 -3.83 14.24
N VAL A 219 -13.24 -3.85 14.03
CA VAL A 219 -12.59 -2.90 13.13
C VAL A 219 -12.23 -3.66 11.85
N LEU A 220 -12.59 -3.09 10.71
CA LEU A 220 -12.42 -3.76 9.44
C LEU A 220 -11.45 -3.00 8.55
N SER A 221 -10.65 -3.74 7.80
CA SER A 221 -9.67 -3.14 6.90
C SER A 221 -9.76 -3.78 5.53
N SER A 222 -9.66 -2.97 4.48
CA SER A 222 -9.49 -3.51 3.13
C SER A 222 -8.23 -2.94 2.51
N ILE A 223 -7.82 -3.51 1.38
CA ILE A 223 -6.54 -3.16 0.78
C ILE A 223 -6.49 -3.73 -0.63
N ASP A 224 -5.64 -3.14 -1.48
CA ASP A 224 -5.26 -3.74 -2.75
C ASP A 224 -4.27 -4.87 -2.46
N ALA A 225 -4.61 -6.12 -2.76
CA ALA A 225 -3.63 -7.18 -2.80
C ALA A 225 -2.99 -7.20 -4.19
N ARG A 226 -1.78 -6.68 -4.31
CA ARG A 226 -1.19 -6.48 -5.64
C ARG A 226 -0.10 -7.51 -5.97
N TYR A 227 -0.31 -8.26 -7.04
CA TYR A 227 0.54 -9.39 -7.38
C TYR A 227 1.71 -9.00 -8.29
N GLY A 228 1.43 -8.15 -9.28
CA GLY A 228 2.45 -7.76 -10.24
C GLY A 228 3.25 -6.56 -9.78
N GLY A 229 3.97 -6.69 -8.66
CA GLY A 229 4.68 -5.56 -8.09
C GLY A 229 3.67 -4.56 -7.53
N THR A 230 4.12 -3.34 -7.25
CA THR A 230 3.24 -2.32 -6.65
C THR A 230 2.51 -1.46 -7.68
N HIS A 231 2.67 -1.80 -8.96
CA HIS A 231 2.05 -1.04 -10.05
C HIS A 231 0.54 -0.96 -9.89
N ASP A 232 -0.03 0.23 -10.11
CA ASP A 232 -1.47 0.39 -10.40
C ASP A 232 -1.83 -0.50 -11.59
N SER A 233 -3.11 -0.87 -11.72
CA SER A 233 -3.59 -1.52 -12.96
C SER A 233 -3.12 -0.75 -14.22
N LYS A 234 -2.85 -1.43 -15.34
CA LYS A 234 -3.01 -2.88 -15.55
C LYS A 234 -2.05 -3.75 -14.74
N SER A 235 -2.59 -4.79 -14.12
CA SER A 235 -1.81 -5.70 -13.30
C SER A 235 -2.77 -6.80 -12.91
N LYS A 236 -2.36 -7.63 -11.96
CA LYS A 236 -3.33 -8.43 -11.22
C LYS A 236 -3.40 -7.87 -9.81
N ILE A 237 -4.60 -7.49 -9.40
CA ILE A 237 -4.86 -6.98 -8.05
C ILE A 237 -6.22 -7.45 -7.62
N ASN A 238 -6.28 -7.96 -6.38
CA ASN A 238 -7.55 -8.35 -5.72
C ASN A 238 -7.79 -7.39 -4.56
N ILE A 239 -9.01 -7.36 -4.05
CA ILE A 239 -9.28 -6.63 -2.80
C ILE A 239 -9.37 -7.62 -1.66
N ALA A 240 -8.52 -7.44 -0.65
CA ALA A 240 -8.56 -8.31 0.51
C ALA A 240 -9.01 -7.55 1.75
N THR A 241 -9.59 -8.27 2.70
CA THR A 241 -10.03 -7.66 3.96
C THR A 241 -9.55 -8.50 5.13
N SER A 242 -9.53 -7.87 6.30
CA SER A 242 -9.12 -8.50 7.56
C SER A 242 -9.83 -7.69 8.62
N TYR A 243 -10.13 -8.30 9.76
CA TYR A 243 -10.80 -7.55 10.83
C TYR A 243 -10.16 -7.84 12.19
N SER A 244 -10.41 -6.97 13.15
CA SER A 244 -9.89 -7.12 14.49
C SER A 244 -11.04 -7.00 15.47
N ASP A 245 -11.10 -7.91 16.42
CA ASP A 245 -12.16 -7.87 17.42
C ASP A 245 -11.63 -7.42 18.77
N ASP A 246 -10.35 -7.08 18.82
CA ASP A 246 -9.74 -6.64 20.07
C ASP A 246 -9.05 -5.27 19.93
N ASN A 247 -9.71 -4.33 19.28
CA ASN A 247 -9.20 -2.96 19.18
C ASN A 247 -7.85 -2.90 18.47
N GLY A 248 -7.65 -3.76 17.47
CA GLY A 248 -6.48 -3.68 16.61
C GLY A 248 -5.28 -4.49 17.06
N LYS A 249 -5.39 -5.14 18.23
CA LYS A 249 -4.27 -5.92 18.76
C LYS A 249 -3.93 -7.13 17.89
N THR A 250 -4.97 -7.81 17.41
CA THR A 250 -4.79 -8.94 16.51
C THR A 250 -5.75 -8.84 15.33
N TRP A 251 -5.37 -9.45 14.23
CA TRP A 251 -6.14 -9.34 13.00
C TRP A 251 -6.35 -10.72 12.40
N SER A 252 -7.50 -10.92 11.78
CA SER A 252 -7.85 -12.20 11.16
C SER A 252 -7.01 -12.44 9.90
N GLU A 253 -6.87 -13.72 9.53
CA GLU A 253 -6.22 -14.06 8.27
C GLU A 253 -7.10 -13.51 7.13
N PRO A 254 -6.49 -12.83 6.16
CA PRO A 254 -7.26 -12.15 5.12
C PRO A 254 -8.16 -13.07 4.29
N ILE A 255 -9.26 -12.52 3.79
CA ILE A 255 -10.09 -13.15 2.77
C ILE A 255 -10.24 -12.15 1.63
N PHE A 256 -10.70 -12.60 0.47
CA PHE A 256 -10.95 -11.67 -0.62
C PHE A 256 -12.37 -11.14 -0.60
N ALA A 257 -12.52 -9.83 -0.78
CA ALA A 257 -13.84 -9.23 -0.98
C ALA A 257 -14.18 -9.21 -2.45
N MET A 258 -13.14 -9.06 -3.29
CA MET A 258 -13.29 -9.04 -4.74
C MET A 258 -12.10 -9.69 -5.41
N LYS A 259 -12.34 -10.70 -6.25
CA LYS A 259 -11.23 -11.39 -6.89
C LYS A 259 -11.57 -11.93 -8.27
N PHE A 260 -10.56 -11.99 -9.12
CA PHE A 260 -10.68 -12.57 -10.43
C PHE A 260 -9.76 -13.80 -10.45
N ASN A 261 -10.00 -14.71 -11.38
CA ASN A 261 -9.24 -15.96 -11.41
C ASN A 261 -8.55 -16.22 -12.74
N ASP A 262 -8.58 -15.24 -13.65
CA ASP A 262 -7.98 -15.42 -14.97
C ASP A 262 -6.45 -15.60 -14.92
N TYR A 263 -5.83 -15.01 -13.91
CA TYR A 263 -4.41 -15.27 -13.61
C TYR A 263 -4.32 -15.86 -12.20
N GLU A 264 -3.35 -16.76 -12.01
CA GLU A 264 -3.05 -17.33 -10.69
C GLU A 264 -2.68 -16.26 -9.66
N GLU A 265 -3.11 -16.47 -8.42
CA GLU A 265 -2.59 -15.69 -7.30
C GLU A 265 -1.16 -16.14 -6.95
N GLN A 266 -0.16 -15.44 -7.45
CA GLN A 266 1.22 -15.86 -7.26
C GLN A 266 2.02 -14.89 -6.42
N LEU A 267 2.81 -15.40 -5.49
CA LEU A 267 3.73 -14.55 -4.77
C LEU A 267 5.02 -14.42 -5.57
N VAL A 268 5.25 -13.26 -6.16
CA VAL A 268 6.38 -13.09 -7.06
C VAL A 268 7.29 -11.98 -6.58
N TYR A 269 8.59 -12.23 -6.63
CA TYR A 269 9.56 -11.19 -6.33
C TYR A 269 9.75 -10.38 -7.60
N TRP A 270 9.13 -9.20 -7.64
CA TRP A 270 9.17 -8.37 -8.84
C TRP A 270 10.54 -7.68 -8.98
N PRO A 271 11.10 -7.66 -10.19
CA PRO A 271 12.42 -7.06 -10.45
C PRO A 271 12.46 -5.59 -10.04
N ARG A 272 13.55 -5.16 -9.41
CA ARG A 272 13.68 -3.78 -8.93
C ARG A 272 14.79 -3.03 -9.70
N ASP A 273 15.41 -3.72 -10.65
CA ASP A 273 16.45 -3.11 -11.49
C ASP A 273 15.86 -2.21 -12.54
N ASN A 274 16.69 -1.30 -13.06
CA ASN A 274 16.24 -0.25 -13.97
C ASN A 274 15.82 -0.73 -15.33
N LYS A 275 16.22 -1.94 -15.70
CA LYS A 275 15.83 -2.48 -16.99
C LYS A 275 14.43 -3.09 -16.94
N LEU A 276 14.14 -3.80 -15.84
CA LEU A 276 12.93 -4.62 -15.74
C LEU A 276 11.83 -4.15 -14.78
N LYS A 277 12.07 -3.08 -14.02
CA LYS A 277 11.16 -2.72 -12.94
C LYS A 277 9.81 -2.25 -13.44
N ASN A 278 9.73 -1.71 -14.65
CA ASN A 278 8.43 -1.35 -15.21
C ASN A 278 7.66 -2.51 -15.86
N SER A 279 8.19 -3.73 -15.77
CA SER A 279 7.43 -4.91 -16.20
C SER A 279 6.08 -4.96 -15.48
N GLN A 280 5.05 -5.31 -16.23
CA GLN A 280 3.70 -5.17 -15.75
C GLN A 280 2.87 -6.32 -16.29
N ILE A 281 2.18 -7.03 -15.41
CA ILE A 281 1.21 -8.03 -15.85
C ILE A 281 0.16 -7.33 -16.72
N SER A 282 0.04 -7.78 -17.96
CA SER A 282 -0.63 -6.99 -18.98
C SER A 282 -1.91 -7.59 -19.53
N GLY A 283 -2.17 -8.85 -19.19
CA GLY A 283 -3.38 -9.53 -19.66
C GLY A 283 -4.38 -9.96 -18.58
N SER A 284 -4.23 -9.43 -17.37
CA SER A 284 -5.11 -9.79 -16.25
C SER A 284 -6.18 -8.72 -15.98
N ALA A 285 -7.37 -9.16 -15.60
CA ALA A 285 -8.37 -8.26 -15.05
C ALA A 285 -7.95 -7.91 -13.62
N SER A 286 -8.40 -6.78 -13.08
CA SER A 286 -8.04 -6.43 -11.71
C SER A 286 -9.04 -5.53 -11.05
N PHE A 287 -8.94 -5.44 -9.72
CA PHE A 287 -9.66 -4.42 -8.95
C PHE A 287 -8.63 -3.44 -8.40
N ILE A 288 -9.07 -2.25 -8.00
CA ILE A 288 -8.14 -1.27 -7.47
C ILE A 288 -8.94 -0.20 -6.74
N ASP A 289 -8.38 0.29 -5.63
CA ASP A 289 -9.01 1.35 -4.84
C ASP A 289 -10.35 0.92 -4.22
N SER A 290 -10.31 0.49 -2.97
CA SER A 290 -11.52 0.08 -2.29
C SER A 290 -11.93 1.08 -1.22
N SER A 291 -13.21 1.08 -0.88
CA SER A 291 -13.76 1.96 0.15
C SER A 291 -14.87 1.22 0.92
N ILE A 292 -15.01 1.51 2.21
CA ILE A 292 -15.94 0.78 3.08
C ILE A 292 -16.91 1.72 3.79
N VAL A 293 -18.13 1.25 4.00
CA VAL A 293 -19.06 1.93 4.87
C VAL A 293 -19.97 0.88 5.52
N GLU A 294 -20.58 1.23 6.66
CA GLU A 294 -21.54 0.33 7.31
C GLU A 294 -22.92 0.96 7.32
N ASP A 295 -23.94 0.17 6.99
CA ASP A 295 -25.31 0.65 6.96
C ASP A 295 -26.07 0.28 8.25
N LYS A 296 -26.53 1.28 8.99
CA LYS A 296 -27.27 1.05 10.23
C LYS A 296 -28.57 0.28 10.01
N LYS A 297 -29.34 0.71 9.02
CA LYS A 297 -30.65 0.12 8.76
C LYS A 297 -30.56 -1.39 8.56
N SER A 298 -29.82 -1.81 7.53
CA SER A 298 -29.70 -3.24 7.23
C SER A 298 -28.72 -3.95 8.17
N GLY A 299 -27.70 -3.24 8.62
CA GLY A 299 -26.61 -3.85 9.37
C GLY A 299 -25.49 -4.34 8.46
N LYS A 300 -25.70 -4.26 7.14
CA LYS A 300 -24.71 -4.73 6.17
C LYS A 300 -23.45 -3.89 6.18
N THR A 301 -22.35 -4.54 5.84
CA THR A 301 -21.15 -3.80 5.44
C THR A 301 -21.16 -3.74 3.91
N ILE A 302 -20.73 -2.61 3.36
CA ILE A 302 -20.74 -2.39 1.91
C ILE A 302 -19.35 -1.94 1.47
N LEU A 303 -18.83 -2.60 0.44
CA LEU A 303 -17.49 -2.31 -0.06
C LEU A 303 -17.55 -2.11 -1.58
N LEU A 304 -17.02 -0.99 -2.02
CA LEU A 304 -16.90 -0.71 -3.44
C LEU A 304 -15.43 -0.73 -3.81
N ALA A 305 -15.15 -0.99 -5.08
CA ALA A 305 -13.81 -0.85 -5.65
C ALA A 305 -13.96 -0.58 -7.15
N ASP A 306 -12.94 0.02 -7.75
CA ASP A 306 -12.88 0.10 -9.21
C ASP A 306 -12.63 -1.29 -9.81
N VAL A 307 -13.18 -1.55 -10.99
CA VAL A 307 -12.91 -2.80 -11.69
C VAL A 307 -12.34 -2.52 -13.06
N MET A 308 -11.37 -3.34 -13.46
CA MET A 308 -10.68 -3.18 -14.73
C MET A 308 -10.66 -4.49 -15.50
N PRO A 309 -11.14 -4.47 -16.76
CA PRO A 309 -11.05 -5.65 -17.62
C PRO A 309 -9.59 -5.89 -17.98
N ALA A 310 -9.29 -7.11 -18.45
CA ALA A 310 -7.93 -7.54 -18.78
C ALA A 310 -7.15 -6.50 -19.55
N GLY A 311 -5.94 -6.21 -19.08
CA GLY A 311 -5.04 -5.28 -19.74
C GLY A 311 -5.30 -3.81 -19.50
N ILE A 312 -6.31 -3.49 -18.68
CA ILE A 312 -6.76 -2.09 -18.54
C ILE A 312 -6.43 -1.43 -17.21
N GLY A 313 -5.91 -0.21 -17.29
CA GLY A 313 -5.79 0.68 -16.15
C GLY A 313 -6.39 2.03 -16.55
N ASN A 314 -6.37 3.00 -15.64
CA ASN A 314 -6.92 4.33 -15.96
C ASN A 314 -6.20 4.99 -17.16
N ASN A 315 -4.93 4.65 -17.33
CA ASN A 315 -4.12 5.08 -18.47
C ASN A 315 -4.79 4.81 -19.82
N ASN A 316 -5.02 3.54 -20.12
CA ASN A 316 -5.56 3.13 -21.42
C ASN A 316 -7.07 2.87 -21.39
N ALA A 317 -7.74 3.29 -20.33
CA ALA A 317 -9.18 3.08 -20.23
C ALA A 317 -9.91 3.94 -21.25
N ASN A 318 -10.86 3.32 -21.93
CA ASN A 318 -11.68 4.02 -22.90
C ASN A 318 -12.53 5.11 -22.23
N LYS A 319 -12.09 6.36 -22.33
CA LYS A 319 -12.95 7.48 -21.96
C LYS A 319 -13.99 7.56 -23.07
N ALA A 320 -14.99 8.41 -22.90
CA ALA A 320 -16.04 8.57 -23.91
C ALA A 320 -16.88 7.31 -24.14
N ASP A 321 -16.80 6.35 -23.22
CA ASP A 321 -17.68 5.18 -23.25
C ASP A 321 -17.88 4.63 -21.85
N SER A 322 -19.13 4.61 -21.40
CA SER A 322 -19.48 4.09 -20.09
C SER A 322 -19.43 2.57 -20.05
N GLY A 323 -19.48 1.94 -21.22
CA GLY A 323 -19.55 0.49 -21.31
C GLY A 323 -20.99 -0.01 -21.18
N PHE A 324 -21.92 0.91 -21.05
CA PHE A 324 -23.34 0.59 -21.02
C PHE A 324 -24.07 1.26 -22.19
N LYS A 325 -25.11 0.59 -22.68
CA LYS A 325 -25.98 1.20 -23.68
C LYS A 325 -27.30 1.58 -23.02
N GLU A 326 -27.75 2.80 -23.29
CA GLU A 326 -29.01 3.29 -22.72
C GLU A 326 -30.19 2.89 -23.61
N ILE A 327 -31.17 2.22 -23.02
CA ILE A 327 -32.41 1.90 -23.71
C ILE A 327 -33.61 2.17 -22.79
N ASN A 328 -34.26 3.31 -23.02
CA ASN A 328 -35.44 3.75 -22.25
C ASN A 328 -35.19 4.09 -20.78
N GLY A 329 -34.09 4.78 -20.49
CA GLY A 329 -33.78 5.15 -19.12
C GLY A 329 -33.22 3.96 -18.36
N HIS A 330 -32.93 2.90 -19.10
CA HIS A 330 -32.30 1.71 -18.54
C HIS A 330 -30.91 1.50 -19.11
N TYR A 331 -29.98 1.10 -18.25
CA TYR A 331 -28.60 0.87 -18.66
C TYR A 331 -28.24 -0.61 -18.70
N TYR A 332 -27.76 -1.07 -19.85
CA TYR A 332 -27.35 -2.46 -20.03
C TYR A 332 -25.88 -2.58 -20.43
N LEU A 333 -25.19 -3.52 -19.78
CA LEU A 333 -23.78 -3.74 -20.02
C LEU A 333 -23.54 -4.25 -21.44
N LYS A 334 -22.66 -3.58 -22.18
CA LYS A 334 -22.36 -3.99 -23.55
C LYS A 334 -21.37 -5.15 -23.60
N LEU A 335 -21.45 -5.94 -24.65
CA LEU A 335 -20.51 -7.05 -24.86
C LEU A 335 -20.10 -7.17 -26.33
N LYS A 336 -18.86 -7.56 -26.57
CA LYS A 336 -18.40 -7.84 -27.93
C LYS A 336 -18.04 -9.31 -28.05
N LYS A 337 -18.54 -9.98 -29.09
CA LYS A 337 -18.28 -11.40 -29.25
C LYS A 337 -16.98 -11.63 -30.01
N ASN A 338 -16.31 -12.75 -29.69
CA ASN A 338 -15.14 -13.24 -30.42
C ASN A 338 -15.35 -13.21 -31.93
N GLY A 339 -14.68 -12.30 -32.62
CA GLY A 339 -14.76 -12.22 -34.07
C GLY A 339 -15.40 -10.97 -34.65
N ASP A 340 -16.21 -10.27 -33.84
CA ASP A 340 -16.87 -9.05 -34.28
C ASP A 340 -15.96 -7.86 -34.00
N ASN A 341 -16.13 -6.78 -34.76
CA ASN A 341 -15.32 -5.58 -34.60
C ASN A 341 -16.01 -4.57 -33.71
N ASP A 342 -17.32 -4.74 -33.52
CA ASP A 342 -18.11 -3.85 -32.69
C ASP A 342 -18.82 -4.63 -31.57
N PHE A 343 -19.47 -3.89 -30.68
CA PHE A 343 -20.19 -4.52 -29.57
C PHE A 343 -21.65 -4.76 -29.94
N ARG A 344 -21.95 -5.97 -30.41
CA ARG A 344 -23.29 -6.27 -30.92
C ARG A 344 -24.23 -6.80 -29.83
N TYR A 345 -23.75 -6.84 -28.61
CA TYR A 345 -24.52 -7.50 -27.57
C TYR A 345 -24.69 -6.60 -26.34
N THR A 346 -25.71 -6.92 -25.54
CA THR A 346 -25.95 -6.28 -24.26
C THR A 346 -26.43 -7.34 -23.31
N VAL A 347 -26.21 -7.14 -22.02
CA VAL A 347 -26.72 -8.03 -21.01
C VAL A 347 -28.02 -7.43 -20.49
N ARG A 348 -29.15 -8.09 -20.79
CA ARG A 348 -30.45 -7.59 -20.32
C ARG A 348 -30.80 -8.25 -19.02
N GLU A 349 -32.05 -8.06 -18.59
CA GLU A 349 -32.54 -8.65 -17.35
C GLU A 349 -32.38 -10.18 -17.37
N ASN A 350 -32.10 -10.73 -16.19
CA ASN A 350 -31.81 -12.15 -16.03
C ASN A 350 -30.58 -12.56 -16.82
N GLY A 351 -29.60 -11.65 -16.90
CA GLY A 351 -28.32 -11.91 -17.53
C GLY A 351 -28.39 -12.41 -18.95
N VAL A 352 -29.58 -12.35 -19.55
CA VAL A 352 -29.76 -12.81 -20.92
C VAL A 352 -28.91 -11.99 -21.87
N VAL A 353 -27.97 -12.64 -22.53
CA VAL A 353 -27.14 -11.97 -23.53
C VAL A 353 -27.98 -11.77 -24.77
N TYR A 354 -28.16 -10.50 -25.13
CA TYR A 354 -29.10 -10.10 -26.16
C TYR A 354 -28.32 -9.55 -27.33
N ASN A 355 -28.74 -9.93 -28.54
CA ASN A 355 -28.08 -9.52 -29.76
C ASN A 355 -28.71 -8.23 -30.32
N GLU A 356 -27.98 -7.13 -30.25
CA GLU A 356 -28.54 -5.83 -30.63
C GLU A 356 -28.78 -5.66 -32.12
N THR A 357 -28.10 -6.44 -32.95
CA THR A 357 -28.22 -6.29 -34.39
C THR A 357 -29.53 -6.88 -34.90
N THR A 358 -29.88 -8.07 -34.40
CA THR A 358 -31.08 -8.77 -34.83
C THR A 358 -32.16 -8.77 -33.75
N ASN A 359 -31.87 -8.11 -32.64
CA ASN A 359 -32.83 -7.94 -31.56
C ASN A 359 -33.40 -9.23 -30.98
N LYS A 360 -32.67 -10.33 -31.13
CA LYS A 360 -33.09 -11.60 -30.56
C LYS A 360 -32.21 -11.93 -29.36
N PRO A 361 -32.77 -12.61 -28.36
CA PRO A 361 -31.91 -13.12 -27.30
C PRO A 361 -31.10 -14.29 -27.86
N THR A 362 -29.92 -14.53 -27.29
CA THR A 362 -29.09 -15.66 -27.70
C THR A 362 -29.23 -16.74 -26.66
N ASN A 363 -28.48 -17.82 -26.84
CA ASN A 363 -28.52 -18.92 -25.91
C ASN A 363 -27.53 -18.71 -24.76
N TYR A 364 -26.81 -17.59 -24.81
CA TYR A 364 -25.84 -17.27 -23.75
C TYR A 364 -26.46 -16.42 -22.65
N THR A 365 -26.14 -16.72 -21.39
CA THR A 365 -26.45 -15.79 -20.32
C THR A 365 -25.23 -15.51 -19.44
N ILE A 366 -25.30 -14.40 -18.71
CA ILE A 366 -24.25 -14.03 -17.76
C ILE A 366 -24.77 -14.27 -16.34
N ASN A 367 -24.08 -15.07 -15.54
CA ASN A 367 -24.54 -15.30 -14.18
C ASN A 367 -24.18 -14.15 -13.23
N ASP A 368 -24.41 -14.36 -11.93
CA ASP A 368 -24.18 -13.33 -10.92
C ASP A 368 -22.72 -12.94 -10.86
N LYS A 369 -21.85 -13.93 -11.02
CA LYS A 369 -20.40 -13.73 -10.95
C LYS A 369 -19.79 -13.20 -12.25
N TYR A 370 -20.64 -12.68 -13.14
CA TYR A 370 -20.23 -12.19 -14.46
C TYR A 370 -19.53 -13.26 -15.29
N GLU A 371 -19.86 -14.51 -14.99
CA GLU A 371 -19.39 -15.66 -15.74
C GLU A 371 -20.37 -16.06 -16.87
N VAL A 372 -19.81 -16.59 -17.95
CA VAL A 372 -20.61 -16.85 -19.15
C VAL A 372 -21.11 -18.30 -19.21
N LEU A 373 -22.41 -18.45 -19.46
CA LEU A 373 -23.02 -19.76 -19.61
C LEU A 373 -23.53 -19.87 -21.03
N GLU A 374 -23.54 -21.09 -21.59
CA GLU A 374 -24.27 -21.33 -22.83
C GLU A 374 -25.29 -22.42 -22.58
N GLY A 375 -26.56 -22.12 -22.87
CA GLY A 375 -27.65 -23.03 -22.57
C GLY A 375 -27.60 -23.58 -21.15
N GLY A 376 -27.20 -22.72 -20.21
CA GLY A 376 -27.12 -23.10 -18.81
C GLY A 376 -25.83 -23.78 -18.35
N LYS A 377 -24.96 -24.07 -19.30
CA LYS A 377 -23.70 -24.76 -19.01
C LYS A 377 -22.55 -23.75 -18.87
N SER A 378 -21.75 -23.88 -17.83
CA SER A 378 -20.66 -22.93 -17.58
C SER A 378 -19.46 -23.11 -18.51
N LEU A 379 -19.16 -22.08 -19.30
CA LEU A 379 -17.95 -22.06 -20.12
C LEU A 379 -16.72 -21.76 -19.26
N THR A 380 -15.55 -22.14 -19.77
CA THR A 380 -14.30 -21.93 -19.05
C THR A 380 -13.22 -21.32 -19.93
N VAL A 381 -12.14 -20.85 -19.32
CA VAL A 381 -10.95 -20.45 -20.04
C VAL A 381 -9.75 -21.01 -19.29
N GLU A 382 -8.60 -21.03 -19.95
CA GLU A 382 -7.38 -21.48 -19.29
C GLU A 382 -6.74 -20.32 -18.53
N GLN A 383 -6.28 -20.60 -17.31
CA GLN A 383 -5.65 -19.61 -16.46
C GLN A 383 -4.24 -19.35 -16.93
N TYR A 384 -3.77 -18.12 -16.72
CA TYR A 384 -2.37 -17.78 -16.95
C TYR A 384 -1.58 -17.73 -15.64
N SER A 385 -0.29 -18.02 -15.75
CA SER A 385 0.68 -17.71 -14.69
C SER A 385 1.76 -16.80 -15.26
N VAL A 386 2.51 -16.14 -14.39
CA VAL A 386 3.60 -15.27 -14.84
C VAL A 386 4.94 -15.71 -14.25
N ASP A 387 6.03 -15.41 -14.95
CA ASP A 387 7.37 -15.72 -14.44
C ASP A 387 8.41 -14.87 -15.14
N PHE A 388 9.59 -14.81 -14.54
CA PHE A 388 10.74 -14.13 -15.12
C PHE A 388 11.87 -15.11 -15.49
N ASP A 389 11.53 -16.39 -15.63
CA ASP A 389 12.52 -17.44 -15.92
C ASP A 389 13.34 -17.16 -17.19
N SER A 390 12.73 -16.51 -18.17
CA SER A 390 13.41 -16.25 -19.43
C SER A 390 14.27 -14.99 -19.35
N GLY A 391 14.10 -14.22 -18.28
CA GLY A 391 14.82 -12.96 -18.17
C GLY A 391 13.93 -11.75 -18.39
N SER A 392 12.80 -11.94 -19.05
CA SER A 392 11.76 -10.93 -19.06
C SER A 392 10.43 -11.54 -18.61
N LEU A 393 9.43 -10.70 -18.37
CA LEU A 393 8.15 -11.20 -17.90
C LEU A 393 7.47 -12.02 -19.00
N ARG A 394 7.00 -13.21 -18.62
CA ARG A 394 6.23 -14.05 -19.53
C ARG A 394 4.87 -14.31 -18.90
N GLU A 395 3.81 -14.19 -19.70
CA GLU A 395 2.48 -14.56 -19.24
C GLU A 395 2.00 -15.75 -20.06
N ARG A 396 1.79 -16.89 -19.41
CA ARG A 396 1.39 -18.06 -20.18
C ARG A 396 0.41 -19.02 -19.51
N HIS A 397 -0.31 -19.76 -20.35
CA HIS A 397 -1.30 -20.72 -19.88
C HIS A 397 -0.67 -21.77 -18.98
N ASN A 398 -1.39 -22.14 -17.93
CA ASN A 398 -0.83 -23.00 -16.89
C ASN A 398 -1.53 -24.34 -16.71
N GLY A 399 -2.56 -24.59 -17.53
CA GLY A 399 -3.24 -25.87 -17.54
C GLY A 399 -4.53 -25.95 -16.77
N LYS A 400 -4.80 -24.91 -15.98
CA LYS A 400 -5.99 -24.92 -15.12
C LYS A 400 -7.16 -24.18 -15.78
N GLN A 401 -8.31 -24.84 -15.80
CA GLN A 401 -9.52 -24.22 -16.32
C GLN A 401 -10.26 -23.50 -15.20
N VAL A 402 -10.69 -22.27 -15.48
CA VAL A 402 -11.46 -21.48 -14.53
C VAL A 402 -12.69 -20.97 -15.25
N PRO A 403 -13.75 -20.61 -14.50
CA PRO A 403 -14.98 -20.07 -15.11
C PRO A 403 -14.72 -18.88 -16.02
N MET A 404 -15.30 -18.92 -17.22
CA MET A 404 -15.12 -17.86 -18.20
C MET A 404 -15.85 -16.58 -17.80
N ASN A 405 -15.10 -15.50 -17.57
CA ASN A 405 -15.67 -14.25 -17.05
C ASN A 405 -15.55 -13.13 -18.07
N VAL A 406 -16.59 -12.31 -18.18
CA VAL A 406 -16.62 -11.27 -19.21
C VAL A 406 -15.55 -10.19 -19.06
N PHE A 407 -14.87 -10.16 -17.91
CA PHE A 407 -13.73 -9.23 -17.74
C PHE A 407 -12.40 -9.83 -18.20
N TYR A 408 -12.46 -11.05 -18.74
CA TYR A 408 -11.23 -11.78 -19.06
C TYR A 408 -10.74 -11.60 -20.49
N LYS A 409 -9.43 -11.75 -20.67
CA LYS A 409 -8.82 -11.71 -21.97
C LYS A 409 -9.33 -12.82 -22.90
N ASP A 410 -9.42 -14.05 -22.38
CA ASP A 410 -9.74 -15.24 -23.17
C ASP A 410 -11.24 -15.47 -23.33
N SER A 411 -12.05 -14.54 -22.86
CA SER A 411 -13.50 -14.74 -22.87
C SER A 411 -14.07 -14.56 -24.28
N LEU A 412 -15.07 -15.36 -24.62
CA LEU A 412 -15.83 -15.22 -25.87
C LEU A 412 -16.62 -13.90 -25.93
N PHE A 413 -17.16 -13.48 -24.79
CA PHE A 413 -17.84 -12.20 -24.65
C PHE A 413 -17.05 -11.29 -23.70
N LYS A 414 -16.70 -10.11 -24.18
CA LYS A 414 -15.86 -9.17 -23.44
C LYS A 414 -16.57 -7.85 -23.21
N VAL A 415 -16.38 -7.28 -22.03
CA VAL A 415 -16.95 -5.95 -21.76
C VAL A 415 -16.09 -4.87 -22.41
N THR A 416 -16.55 -3.63 -22.35
CA THR A 416 -15.81 -2.49 -22.88
C THR A 416 -14.56 -2.21 -22.04
N PRO A 417 -13.40 -2.06 -22.71
CA PRO A 417 -12.14 -1.82 -22.00
C PRO A 417 -12.11 -0.42 -21.40
N THR A 418 -12.80 -0.27 -20.27
CA THR A 418 -12.86 0.98 -19.53
C THR A 418 -13.00 0.65 -18.04
N ASN A 419 -13.07 1.67 -17.18
CA ASN A 419 -13.13 1.42 -15.74
C ASN A 419 -14.56 1.43 -15.22
N TYR A 420 -14.87 0.48 -14.34
CA TYR A 420 -16.18 0.37 -13.72
C TYR A 420 -16.05 0.51 -12.22
N ILE A 421 -17.18 0.68 -11.53
CA ILE A 421 -17.21 0.56 -10.08
C ILE A 421 -18.07 -0.64 -9.71
N ALA A 422 -17.54 -1.50 -8.85
CA ALA A 422 -18.31 -2.62 -8.33
C ALA A 422 -18.63 -2.41 -6.84
N MET A 423 -19.70 -3.05 -6.41
CA MET A 423 -20.14 -3.04 -5.02
C MET A 423 -20.27 -4.49 -4.59
N THR A 424 -19.80 -4.80 -3.38
CA THR A 424 -20.16 -6.06 -2.74
C THR A 424 -20.65 -5.78 -1.32
N THR A 425 -21.27 -6.79 -0.70
CA THR A 425 -21.80 -6.61 0.66
C THR A 425 -21.48 -7.81 1.56
N SER A 426 -21.38 -7.56 2.85
CA SER A 426 -21.20 -8.63 3.81
C SER A 426 -22.29 -8.58 4.86
N GLN A 427 -22.89 -9.73 5.15
CA GLN A 427 -23.89 -9.80 6.18
C GLN A 427 -23.32 -10.27 7.51
N ASN A 428 -22.03 -10.57 7.53
CA ASN A 428 -21.37 -11.04 8.74
C ASN A 428 -20.12 -10.23 9.10
N ARG A 429 -20.17 -8.92 8.83
CA ARG A 429 -19.11 -8.01 9.19
C ARG A 429 -17.72 -8.43 8.72
N GLY A 430 -17.63 -8.85 7.46
CA GLY A 430 -16.34 -9.13 6.85
C GLY A 430 -15.85 -10.56 6.96
N GLU A 431 -16.70 -11.45 7.44
CA GLU A 431 -16.37 -12.88 7.48
C GLU A 431 -16.51 -13.53 6.10
N SER A 432 -17.47 -13.06 5.32
CA SER A 432 -17.55 -13.43 3.91
C SER A 432 -18.12 -12.25 3.14
N TRP A 433 -17.89 -12.24 1.83
CA TRP A 433 -18.39 -11.18 0.96
C TRP A 433 -19.19 -11.75 -0.21
N GLU A 434 -20.30 -11.09 -0.53
CA GLU A 434 -21.08 -11.47 -1.69
C GLU A 434 -20.32 -11.23 -2.99
N GLN A 435 -20.81 -11.86 -4.06
CA GLN A 435 -20.31 -11.57 -5.39
C GLN A 435 -20.70 -10.13 -5.72
N PHE A 436 -19.82 -9.43 -6.43
CA PHE A 436 -20.03 -8.01 -6.65
C PHE A 436 -21.05 -7.75 -7.75
N LYS A 437 -21.63 -6.56 -7.75
CA LYS A 437 -22.39 -6.10 -8.89
C LYS A 437 -21.84 -4.75 -9.35
N LEU A 438 -21.88 -4.50 -10.66
CA LEU A 438 -21.44 -3.21 -11.18
C LEU A 438 -22.46 -2.13 -10.85
N LEU A 439 -21.99 -0.95 -10.48
CA LEU A 439 -22.87 0.21 -10.37
C LEU A 439 -23.21 0.67 -11.77
N PRO A 440 -24.38 1.30 -11.95
CA PRO A 440 -24.72 1.90 -13.24
C PRO A 440 -23.82 3.10 -13.53
N PRO A 441 -23.82 3.57 -14.78
CA PRO A 441 -23.12 4.83 -15.07
C PRO A 441 -23.93 6.02 -14.51
N PHE A 442 -23.24 7.10 -14.14
CA PHE A 442 -23.90 8.23 -13.48
C PHE A 442 -23.81 9.50 -14.30
N LEU A 443 -22.80 9.58 -15.14
CA LEU A 443 -22.55 10.78 -15.95
C LEU A 443 -22.88 10.59 -17.42
N GLY A 444 -23.72 9.60 -17.73
CA GLY A 444 -24.16 9.43 -19.09
C GLY A 444 -23.54 8.26 -19.85
N GLU A 445 -24.21 7.91 -20.94
CA GLU A 445 -23.88 6.76 -21.76
C GLU A 445 -22.48 6.83 -22.38
N LYS A 446 -22.10 8.01 -22.85
CA LYS A 446 -20.84 8.18 -23.55
C LYS A 446 -19.75 8.88 -22.72
N HIS A 447 -19.79 8.64 -21.40
CA HIS A 447 -18.79 9.16 -20.47
C HIS A 447 -18.25 7.95 -19.70
N ASN A 448 -16.94 7.84 -19.54
CA ASN A 448 -16.44 6.72 -18.75
C ASN A 448 -16.72 6.97 -17.27
N GLY A 449 -16.71 5.90 -16.48
CA GLY A 449 -17.14 6.01 -15.09
C GLY A 449 -16.19 6.81 -14.25
N THR A 450 -16.63 7.17 -13.04
CA THR A 450 -15.76 7.91 -12.13
C THR A 450 -14.83 6.95 -11.38
N TYR A 451 -13.88 7.52 -10.66
CA TYR A 451 -12.89 6.75 -9.94
C TYR A 451 -13.20 6.78 -8.46
N LEU A 452 -13.33 5.61 -7.83
CA LEU A 452 -13.66 5.57 -6.41
C LEU A 452 -12.58 6.22 -5.56
N CYS A 453 -12.99 6.99 -4.55
CA CYS A 453 -12.04 7.51 -3.58
C CYS A 453 -11.79 6.44 -2.54
N PRO A 454 -10.55 5.94 -2.45
CA PRO A 454 -10.27 4.86 -1.51
C PRO A 454 -10.33 5.34 -0.07
N GLY A 455 -10.71 4.42 0.83
CA GLY A 455 -10.77 4.71 2.25
C GLY A 455 -12.11 4.37 2.86
N GLN A 456 -12.80 5.38 3.36
CA GLN A 456 -14.13 5.20 3.96
C GLN A 456 -15.22 5.93 3.19
N GLY A 457 -16.39 5.30 3.10
CA GLY A 457 -17.58 6.02 2.73
C GLY A 457 -18.10 6.68 4.00
N LEU A 458 -19.21 7.40 3.90
CA LEU A 458 -19.78 8.06 5.06
C LEU A 458 -21.22 7.61 5.30
N ALA A 459 -21.48 7.18 6.53
CA ALA A 459 -22.83 6.84 6.99
C ALA A 459 -23.26 7.97 7.88
N LEU A 460 -24.24 8.75 7.43
CA LEU A 460 -24.70 9.89 8.22
C LEU A 460 -25.33 9.41 9.53
N LYS A 461 -25.00 10.09 10.61
CA LYS A 461 -25.40 9.71 11.95
C LYS A 461 -26.93 9.69 12.14
N SER A 462 -27.58 10.74 11.68
CA SER A 462 -28.99 10.96 11.96
C SER A 462 -29.94 10.47 10.88
N SER A 463 -29.44 9.64 9.96
CA SER A 463 -30.29 9.11 8.89
C SER A 463 -29.80 7.76 8.35
N ASN A 464 -30.43 7.33 7.24
CA ASN A 464 -29.98 6.15 6.52
C ASN A 464 -29.11 6.45 5.30
N ARG A 465 -28.73 7.71 5.12
CA ARG A 465 -27.95 8.10 3.93
C ARG A 465 -26.51 7.56 3.94
N LEU A 466 -26.12 6.98 2.80
CA LEU A 466 -24.78 6.45 2.58
C LEU A 466 -24.12 7.19 1.44
N ILE A 467 -22.88 7.61 1.63
CA ILE A 467 -22.20 8.40 0.61
C ILE A 467 -20.82 7.84 0.35
N PHE A 468 -20.54 7.57 -0.93
CA PHE A 468 -19.20 7.26 -1.36
C PHE A 468 -18.71 8.34 -2.31
N ALA A 469 -17.54 8.91 -2.02
CA ALA A 469 -16.98 9.92 -2.91
C ALA A 469 -16.28 9.22 -4.06
N THR A 470 -16.43 9.79 -5.25
CA THR A 470 -15.68 9.38 -6.42
C THR A 470 -15.19 10.64 -7.12
N TYR A 471 -14.28 10.49 -8.07
CA TYR A 471 -13.78 11.66 -8.80
C TYR A 471 -13.69 11.40 -10.30
N THR A 472 -13.80 12.47 -11.06
CA THR A 472 -13.56 12.41 -12.50
C THR A 472 -13.01 13.79 -12.85
N SER A 473 -12.72 14.05 -14.13
CA SER A 473 -12.14 15.34 -14.48
C SER A 473 -13.12 16.47 -14.22
N GLY A 474 -12.67 17.48 -13.48
CA GLY A 474 -13.48 18.66 -13.21
C GLY A 474 -14.45 18.60 -12.04
N GLU A 475 -14.60 17.44 -11.41
CA GLU A 475 -15.54 17.37 -10.28
C GLU A 475 -15.36 16.21 -9.33
N LEU A 476 -15.91 16.36 -8.13
CA LEU A 476 -16.16 15.22 -7.27
C LEU A 476 -17.58 14.77 -7.59
N THR A 477 -17.75 13.46 -7.67
CA THR A 477 -19.06 12.90 -7.92
C THR A 477 -19.48 12.00 -6.76
N TYR A 478 -20.28 12.56 -5.86
CA TYR A 478 -20.75 11.84 -4.70
C TYR A 478 -21.84 10.85 -5.10
N LEU A 479 -21.65 9.61 -4.70
CA LEU A 479 -22.68 8.59 -4.86
C LEU A 479 -23.48 8.46 -3.58
N ILE A 480 -24.80 8.64 -3.69
CA ILE A 480 -25.67 8.72 -2.54
C ILE A 480 -26.79 7.66 -2.53
N SER A 481 -26.91 6.94 -1.42
CA SER A 481 -27.98 5.94 -1.26
C SER A 481 -28.74 6.13 0.05
N ASP A 482 -30.06 6.01 -0.02
CA ASP A 482 -30.88 6.10 1.18
C ASP A 482 -31.59 4.76 1.44
N ASP A 483 -31.31 3.76 0.60
CA ASP A 483 -31.93 2.45 0.75
C ASP A 483 -30.90 1.31 0.85
N SER A 484 -29.93 1.45 1.74
CA SER A 484 -28.96 0.38 2.01
C SER A 484 -28.17 -0.05 0.77
N GLY A 485 -27.88 0.90 -0.12
CA GLY A 485 -27.08 0.60 -1.29
C GLY A 485 -27.78 -0.13 -2.43
N GLN A 486 -29.09 -0.30 -2.34
CA GLN A 486 -29.84 -0.89 -3.45
C GLN A 486 -29.85 0.04 -4.66
N THR A 487 -30.08 1.34 -4.43
CA THR A 487 -30.02 2.32 -5.52
C THR A 487 -29.17 3.53 -5.16
N TRP A 488 -28.61 4.16 -6.18
CA TRP A 488 -27.68 5.26 -6.00
C TRP A 488 -28.02 6.41 -6.93
N LYS A 489 -27.75 7.63 -6.47
CA LYS A 489 -27.81 8.81 -7.33
C LYS A 489 -26.52 9.60 -7.19
N LYS A 490 -26.25 10.50 -8.13
CA LYS A 490 -25.04 11.31 -8.05
C LYS A 490 -25.35 12.69 -7.51
N SER A 491 -24.38 13.29 -6.82
CA SER A 491 -24.36 14.73 -6.57
C SER A 491 -23.00 15.23 -7.06
N SER A 492 -23.02 16.01 -8.14
CA SER A 492 -21.78 16.53 -8.72
C SER A 492 -21.36 17.83 -8.04
N ALA A 493 -20.08 17.92 -7.69
CA ALA A 493 -19.52 19.17 -7.17
C ALA A 493 -18.25 19.52 -7.96
N SER A 494 -18.35 20.56 -8.78
CA SER A 494 -17.22 20.96 -9.61
C SER A 494 -16.04 21.41 -8.75
N ILE A 495 -14.85 21.13 -9.24
CA ILE A 495 -13.64 21.57 -8.57
C ILE A 495 -12.76 22.30 -9.60
N PRO A 496 -11.88 23.21 -9.15
CA PRO A 496 -11.07 24.01 -10.08
C PRO A 496 -9.91 23.25 -10.70
N PHE A 497 -10.14 22.00 -11.11
CA PHE A 497 -9.07 21.18 -11.65
C PHE A 497 -9.55 20.36 -12.82
N LYS A 498 -8.76 20.32 -13.88
CA LYS A 498 -8.94 19.32 -14.92
C LYS A 498 -7.96 18.17 -14.63
N ASN A 499 -8.45 16.94 -14.76
CA ASN A 499 -7.63 15.74 -14.63
C ASN A 499 -6.82 15.62 -13.34
N ALA A 500 -7.36 16.13 -12.24
CA ALA A 500 -6.76 15.87 -10.94
C ALA A 500 -7.11 14.46 -10.49
N THR A 501 -6.26 13.89 -9.66
CA THR A 501 -6.58 12.66 -8.96
C THR A 501 -7.16 13.13 -7.62
N ALA A 502 -8.42 13.54 -7.65
CA ALA A 502 -9.04 14.22 -6.52
C ALA A 502 -9.60 13.24 -5.48
N GLU A 503 -8.70 12.49 -4.87
CA GLU A 503 -9.07 11.52 -3.86
C GLU A 503 -9.60 12.28 -2.66
N ALA A 504 -10.86 12.00 -2.30
CA ALA A 504 -11.60 12.76 -1.31
C ALA A 504 -12.12 11.86 -0.20
N GLN A 505 -12.07 12.39 1.03
CA GLN A 505 -12.62 11.73 2.19
C GLN A 505 -13.46 12.72 3.00
N MET A 506 -14.52 12.22 3.63
CA MET A 506 -15.50 13.08 4.29
C MET A 506 -15.55 12.89 5.79
N VAL A 507 -15.93 13.96 6.49
CA VAL A 507 -16.31 13.86 7.89
C VAL A 507 -17.64 14.60 8.08
N GLU A 508 -18.48 14.11 8.98
CA GLU A 508 -19.71 14.82 9.32
C GLU A 508 -19.42 15.71 10.54
N LEU A 509 -19.35 17.01 10.32
CA LEU A 509 -18.98 17.94 11.39
C LEU A 509 -20.08 18.01 12.44
N ARG A 510 -21.33 17.90 11.99
CA ARG A 510 -22.51 17.90 12.83
C ARG A 510 -23.65 17.45 11.92
N ASP A 511 -24.82 17.16 12.49
CA ASP A 511 -25.94 16.63 11.71
C ASP A 511 -26.17 17.38 10.41
N GLY A 512 -26.11 16.66 9.29
CA GLY A 512 -26.33 17.25 7.97
C GLY A 512 -25.14 17.99 7.36
N VAL A 513 -24.08 18.20 8.14
CA VAL A 513 -22.94 19.00 7.67
C VAL A 513 -21.73 18.12 7.37
N ILE A 514 -21.37 18.03 6.09
CA ILE A 514 -20.25 17.20 5.64
C ILE A 514 -19.07 18.04 5.17
N ARG A 515 -17.90 17.85 5.77
CA ARG A 515 -16.71 18.44 5.16
C ARG A 515 -15.91 17.34 4.47
N THR A 516 -15.52 17.64 3.24
CA THR A 516 -14.76 16.73 2.41
C THR A 516 -13.37 17.31 2.22
N PHE A 517 -12.33 16.52 2.52
CA PHE A 517 -10.95 16.93 2.26
C PHE A 517 -10.43 16.18 1.05
N PHE A 518 -9.72 16.87 0.15
CA PHE A 518 -9.26 16.18 -1.05
C PHE A 518 -7.92 16.60 -1.60
N ARG A 519 -7.31 15.62 -2.26
CA ARG A 519 -6.05 15.75 -3.00
C ARG A 519 -6.24 16.65 -4.21
N THR A 520 -5.26 17.50 -4.48
CA THR A 520 -5.32 18.39 -5.64
C THR A 520 -4.00 18.37 -6.41
N THR A 521 -3.81 19.35 -7.29
CA THR A 521 -2.53 19.48 -7.96
C THR A 521 -1.82 20.79 -7.60
N THR A 522 -2.21 21.39 -6.48
CA THR A 522 -1.71 22.72 -6.11
C THR A 522 -0.65 22.69 -5.01
N GLY A 523 -0.39 21.52 -4.45
CA GLY A 523 0.48 21.40 -3.29
C GLY A 523 -0.21 21.66 -1.95
N LYS A 524 -1.51 21.96 -1.99
CA LYS A 524 -2.30 22.13 -0.77
C LYS A 524 -3.51 21.20 -0.80
N ILE A 525 -3.89 20.69 0.36
CA ILE A 525 -5.12 19.90 0.46
C ILE A 525 -6.32 20.85 0.39
N ALA A 526 -7.33 20.48 -0.38
CA ALA A 526 -8.53 21.29 -0.50
C ALA A 526 -9.69 20.70 0.31
N TYR A 527 -10.68 21.53 0.58
CA TYR A 527 -11.93 21.07 1.16
C TYR A 527 -13.14 21.79 0.58
N MET A 528 -14.31 21.20 0.73
CA MET A 528 -15.58 21.84 0.38
C MET A 528 -16.60 21.35 1.41
N THR A 529 -17.72 22.04 1.54
CA THR A 529 -18.69 21.74 2.58
C THR A 529 -20.12 21.60 2.03
N SER A 530 -20.85 20.62 2.54
CA SER A 530 -22.25 20.49 2.25
C SER A 530 -23.04 20.69 3.55
N ARG A 531 -24.11 21.47 3.51
CA ARG A 531 -24.98 21.62 4.67
C ARG A 531 -26.31 20.93 4.43
N ASP A 532 -26.26 20.05 3.43
CA ASP A 532 -27.41 19.53 2.69
C ASP A 532 -27.53 18.03 2.82
N SER A 533 -26.74 17.43 3.72
CA SER A 533 -26.50 15.98 3.70
C SER A 533 -26.01 15.50 2.34
N GLY A 534 -25.23 16.32 1.65
CA GLY A 534 -24.66 15.92 0.39
C GLY A 534 -25.41 16.32 -0.88
N GLU A 535 -26.59 16.91 -0.74
CA GLU A 535 -27.35 17.37 -1.92
C GLU A 535 -26.57 18.43 -2.70
N THR A 536 -26.08 19.45 -2.00
CA THR A 536 -25.33 20.52 -2.66
C THR A 536 -24.03 20.81 -1.93
N TRP A 537 -23.09 21.44 -2.63
CA TRP A 537 -21.73 21.58 -2.13
C TRP A 537 -21.16 22.99 -2.34
N SER A 538 -20.34 23.43 -1.40
CA SER A 538 -19.73 24.76 -1.43
C SER A 538 -18.63 24.86 -2.46
N LYS A 539 -18.11 26.06 -2.67
CA LYS A 539 -16.89 26.22 -3.46
C LYS A 539 -15.71 25.63 -2.70
N VAL A 540 -14.55 25.58 -3.38
CA VAL A 540 -13.36 24.92 -2.86
C VAL A 540 -12.41 25.86 -2.11
N SER A 541 -12.02 25.47 -0.90
CA SER A 541 -11.01 26.19 -0.15
C SER A 541 -9.80 25.30 0.02
N TYR A 542 -8.71 25.86 0.53
CA TYR A 542 -7.47 25.13 0.73
C TYR A 542 -6.97 25.26 2.17
N ILE A 543 -6.27 24.24 2.63
CA ILE A 543 -5.75 24.21 3.98
C ILE A 543 -4.34 24.79 4.00
N ASP A 544 -4.10 25.68 4.95
CA ASP A 544 -2.77 26.18 5.22
C ASP A 544 -2.18 25.41 6.37
N GLY A 545 -0.87 25.21 6.31
CA GLY A 545 -0.17 24.54 7.39
C GLY A 545 0.26 23.15 7.03
N ILE A 546 -0.25 22.64 5.92
CA ILE A 546 0.17 21.34 5.42
C ILE A 546 0.60 21.46 3.97
N GLN A 547 1.73 20.85 3.65
CA GLN A 547 2.20 20.86 2.27
C GLN A 547 2.12 19.47 1.62
N GLN A 548 1.76 19.45 0.35
CA GLN A 548 1.87 18.24 -0.44
C GLN A 548 2.69 18.57 -1.66
N THR A 549 3.04 17.51 -2.37
CA THR A 549 3.74 17.63 -3.63
C THR A 549 2.74 18.10 -4.67
N SER A 550 3.26 18.55 -5.80
CA SER A 550 2.46 18.95 -6.94
C SER A 550 1.50 17.85 -7.36
N TYR A 551 1.92 16.60 -7.28
CA TYR A 551 1.05 15.51 -7.72
C TYR A 551 0.08 15.07 -6.62
N GLY A 552 0.46 15.31 -5.36
CA GLY A 552 -0.45 15.11 -4.24
C GLY A 552 -0.52 13.67 -3.74
N THR A 553 -1.18 13.49 -2.61
CA THR A 553 -1.35 12.17 -2.01
C THR A 553 -2.72 12.07 -1.37
N GLN A 554 -3.31 10.88 -1.39
CA GLN A 554 -4.54 10.61 -0.66
C GLN A 554 -4.43 11.12 0.78
N VAL A 555 -5.49 11.76 1.25
CA VAL A 555 -5.60 12.18 2.65
C VAL A 555 -6.78 11.44 3.30
N SER A 556 -6.54 10.85 4.47
CA SER A 556 -7.64 10.25 5.22
C SER A 556 -8.05 11.20 6.34
N ALA A 557 -9.29 11.06 6.81
CA ALA A 557 -9.86 12.03 7.74
C ALA A 557 -11.01 11.47 8.56
N ILE A 558 -10.98 11.74 9.87
CA ILE A 558 -12.09 11.34 10.73
C ILE A 558 -12.53 12.47 11.63
N LYS A 559 -13.77 12.39 12.09
CA LYS A 559 -14.30 13.24 13.13
C LYS A 559 -14.22 12.45 14.44
N TYR A 560 -13.39 12.90 15.37
CA TYR A 560 -13.17 12.19 16.64
C TYR A 560 -14.41 12.27 17.56
N SER A 561 -14.66 11.21 18.32
CA SER A 561 -15.90 11.15 19.12
C SER A 561 -15.87 12.01 20.38
N GLN A 562 -14.67 12.27 20.90
CA GLN A 562 -14.50 12.96 22.18
C GLN A 562 -13.98 14.37 21.93
N LEU A 563 -14.22 15.28 22.87
CA LEU A 563 -13.75 16.65 22.73
C LEU A 563 -12.25 16.73 23.00
N ILE A 564 -11.61 17.73 22.43
CA ILE A 564 -10.19 17.97 22.67
C ILE A 564 -10.03 19.46 22.99
N ASP A 565 -9.48 19.76 24.17
CA ASP A 565 -9.44 21.13 24.68
C ASP A 565 -10.84 21.77 24.67
N GLY A 566 -11.87 20.94 24.89
CA GLY A 566 -13.24 21.41 24.96
C GLY A 566 -13.90 21.62 23.61
N LYS A 567 -13.20 21.25 22.55
CA LYS A 567 -13.73 21.45 21.20
C LYS A 567 -13.96 20.13 20.49
N GLU A 568 -14.86 20.16 19.51
CA GLU A 568 -15.02 19.05 18.59
C GLU A 568 -13.82 18.99 17.66
N ALA A 569 -13.38 17.80 17.35
CA ALA A 569 -12.11 17.65 16.67
C ALA A 569 -12.19 16.79 15.42
N VAL A 570 -11.37 17.16 14.44
CA VAL A 570 -11.21 16.43 13.20
C VAL A 570 -9.75 16.04 13.12
N ILE A 571 -9.46 14.83 12.64
CA ILE A 571 -8.08 14.37 12.50
C ILE A 571 -7.76 14.03 11.04
N LEU A 572 -6.71 14.66 10.50
CA LEU A 572 -6.25 14.39 9.14
C LEU A 572 -4.96 13.56 9.14
N SER A 573 -4.88 12.60 8.24
CA SER A 573 -3.65 11.84 8.00
C SER A 573 -3.16 12.10 6.59
N THR A 574 -1.90 12.51 6.48
CA THR A 574 -1.33 12.88 5.20
C THR A 574 0.17 13.01 5.36
N PRO A 575 0.92 12.77 4.26
CA PRO A 575 2.31 13.24 4.33
C PRO A 575 2.31 14.77 4.47
N ASN A 576 3.34 15.34 5.08
CA ASN A 576 3.47 16.80 5.09
C ASN A 576 4.82 17.16 4.49
N SER A 577 4.82 17.41 3.18
CA SER A 577 6.07 17.62 2.43
C SER A 577 5.78 18.14 1.02
N ARG A 578 6.59 19.06 0.54
CA ARG A 578 6.41 19.54 -0.83
C ARG A 578 7.35 18.82 -1.78
N SER A 579 8.12 17.87 -1.24
CA SER A 579 9.18 17.20 -1.99
CA SER A 579 9.17 17.20 -2.00
C SER A 579 8.82 15.77 -2.41
N GLY A 580 8.31 14.99 -1.46
CA GLY A 580 7.95 13.62 -1.77
C GLY A 580 6.91 13.09 -0.79
N ARG A 581 6.66 11.79 -0.83
CA ARG A 581 5.70 11.18 0.09
C ARG A 581 6.45 10.73 1.33
N LYS A 582 6.58 11.65 2.26
CA LYS A 582 7.37 11.44 3.47
C LYS A 582 6.89 12.46 4.47
N GLY A 583 7.39 12.37 5.71
CA GLY A 583 6.99 13.33 6.72
C GLY A 583 5.54 13.12 7.11
N GLY A 584 5.18 11.86 7.37
CA GLY A 584 3.82 11.53 7.75
C GLY A 584 3.35 12.27 8.99
N GLN A 585 2.13 12.79 8.91
CA GLN A 585 1.53 13.47 10.06
C GLN A 585 0.07 13.10 10.31
N LEU A 586 -0.31 13.11 11.58
CA LEU A 586 -1.70 13.25 11.95
C LEU A 586 -1.85 14.71 12.37
N VAL A 587 -2.84 15.40 11.83
CA VAL A 587 -3.04 16.79 12.17
C VAL A 587 -4.39 16.92 12.84
N VAL A 588 -4.39 17.40 14.08
CA VAL A 588 -5.61 17.55 14.85
C VAL A 588 -6.18 18.97 14.68
N GLY A 589 -7.44 19.05 14.28
CA GLY A 589 -8.07 20.33 14.07
C GLY A 589 -9.27 20.50 14.98
N LEU A 590 -9.36 21.66 15.61
CA LEU A 590 -10.48 21.99 16.50
C LEU A 590 -11.50 22.82 15.74
N VAL A 591 -12.76 22.43 15.86
CA VAL A 591 -13.83 23.09 15.11
C VAL A 591 -14.31 24.35 15.85
N ASN A 592 -14.45 25.43 15.10
CA ASN A 592 -15.06 26.64 15.62
C ASN A 592 -16.57 26.55 15.40
N LYS A 593 -17.31 26.40 16.50
CA LYS A 593 -18.76 26.23 16.46
C LYS A 593 -19.51 27.37 15.78
N GLU A 594 -18.87 28.54 15.67
CA GLU A 594 -19.53 29.72 15.11
C GLU A 594 -19.67 29.64 13.60
N ASP A 595 -18.64 29.14 12.93
CA ASP A 595 -18.65 29.13 11.47
C ASP A 595 -18.17 27.80 10.87
N ASP A 596 -17.92 26.81 11.73
CA ASP A 596 -17.49 25.47 11.30
C ASP A 596 -16.10 25.46 10.69
N SER A 597 -15.38 26.57 10.83
CA SER A 597 -14.00 26.65 10.41
C SER A 597 -13.15 25.80 11.37
N ILE A 598 -11.95 25.45 10.95
CA ILE A 598 -11.13 24.53 11.73
C ILE A 598 -9.73 25.07 12.00
N ASP A 599 -9.37 25.12 13.28
CA ASP A 599 -8.01 25.51 13.72
CA ASP A 599 -8.02 25.50 13.67
C ASP A 599 -7.14 24.27 13.82
N TRP A 600 -6.24 24.09 12.86
CA TRP A 600 -5.32 22.97 12.88
C TRP A 600 -4.28 23.22 13.97
N LYS A 601 -4.49 22.59 15.12
CA LYS A 601 -3.75 22.95 16.33
C LYS A 601 -2.53 22.07 16.64
N TYR A 602 -2.64 20.77 16.40
CA TYR A 602 -1.55 19.84 16.74
C TYR A 602 -1.12 19.07 15.52
N HIS A 603 0.20 18.98 15.32
CA HIS A 603 0.77 18.20 14.23
C HIS A 603 1.58 17.06 14.86
N TYR A 604 1.13 15.82 14.70
CA TYR A 604 1.88 14.70 15.25
C TYR A 604 2.70 14.04 14.15
N GLY A 605 4.02 13.99 14.35
CA GLY A 605 4.92 13.36 13.40
C GLY A 605 4.94 11.85 13.58
N ILE A 606 4.48 11.14 12.56
CA ILE A 606 4.40 9.67 12.64
C ILE A 606 5.79 9.01 12.72
N ASP A 607 6.73 9.54 11.95
CA ASP A 607 8.15 9.15 12.00
C ASP A 607 8.92 10.35 11.44
N LEU A 608 10.21 10.18 11.14
CA LEU A 608 11.06 11.31 10.72
C LEU A 608 10.51 12.04 9.49
N PRO A 609 10.79 13.35 9.39
CA PRO A 609 10.39 14.11 8.19
C PRO A 609 10.90 13.47 6.89
N SER A 610 12.04 12.78 6.97
CA SER A 610 12.65 12.19 5.78
C SER A 610 12.15 10.78 5.45
N TYR A 611 11.45 10.15 6.39
CA TYR A 611 10.99 8.76 6.20
C TYR A 611 9.64 8.71 5.50
N GLY A 612 9.45 7.69 4.67
CA GLY A 612 8.30 7.60 3.80
C GLY A 612 6.92 7.44 4.44
N TYR A 613 5.95 8.10 3.80
CA TYR A 613 4.57 8.03 4.24
C TYR A 613 3.74 8.44 3.07
N ALA A 614 2.83 7.56 2.65
CA ALA A 614 2.01 7.85 1.49
C ALA A 614 0.51 7.69 1.79
N TYR A 615 -0.18 6.80 1.08
CA TYR A 615 -1.61 6.60 1.33
C TYR A 615 -1.80 6.10 2.74
N SER A 616 -2.93 6.46 3.36
CA SER A 616 -3.14 6.11 4.76
C SER A 616 -4.60 5.86 5.08
N ALA A 617 -4.84 5.08 6.12
CA ALA A 617 -6.18 4.87 6.64
C ALA A 617 -6.18 5.19 8.12
N ILE A 618 -7.20 5.90 8.59
CA ILE A 618 -7.33 6.13 10.02
C ILE A 618 -8.73 5.87 10.50
N THR A 619 -8.84 5.31 11.70
CA THR A 619 -10.14 5.16 12.31
C THR A 619 -10.00 5.28 13.83
N GLU A 620 -11.06 5.79 14.46
CA GLU A 620 -11.13 5.76 15.90
C GLU A 620 -11.53 4.35 16.35
N LEU A 621 -10.68 3.71 17.14
CA LEU A 621 -10.99 2.37 17.65
C LEU A 621 -12.05 2.51 18.74
N PRO A 622 -12.83 1.45 18.99
CA PRO A 622 -13.89 1.52 20.02
C PRO A 622 -13.42 2.05 21.39
N ASN A 623 -12.15 1.85 21.74
CA ASN A 623 -11.64 2.28 23.03
C ASN A 623 -11.16 3.73 23.02
N HIS A 624 -11.34 4.39 21.87
CA HIS A 624 -10.96 5.79 21.63
C HIS A 624 -9.48 5.99 21.30
N HIS A 625 -8.75 4.90 21.10
CA HIS A 625 -7.43 5.01 20.51
C HIS A 625 -7.61 5.28 19.03
N ILE A 626 -6.52 5.64 18.36
CA ILE A 626 -6.53 5.83 16.92
C ILE A 626 -5.72 4.75 16.23
N GLY A 627 -6.30 4.09 15.24
CA GLY A 627 -5.60 3.13 14.41
C GLY A 627 -5.21 3.77 13.09
N VAL A 628 -3.95 3.54 12.68
CA VAL A 628 -3.42 4.05 11.41
C VAL A 628 -2.78 2.91 10.65
N LEU A 629 -3.33 2.63 9.47
CA LEU A 629 -2.74 1.66 8.56
C LEU A 629 -2.26 2.47 7.36
N PHE A 630 -0.97 2.45 7.08
CA PHE A 630 -0.43 3.38 6.09
C PHE A 630 0.69 2.77 5.28
N GLU A 631 0.90 3.33 4.09
CA GLU A 631 2.08 2.99 3.28
C GLU A 631 3.33 3.66 3.85
N LYS A 632 4.17 2.90 4.54
CA LYS A 632 5.39 3.48 5.09
C LYS A 632 6.52 3.44 4.05
N TYR A 633 6.32 4.15 2.95
CA TYR A 633 7.33 4.30 1.92
C TYR A 633 6.81 5.32 0.92
N ASP A 634 7.69 5.79 0.05
CA ASP A 634 7.26 6.73 -0.98
C ASP A 634 6.69 5.97 -2.18
N SER A 635 5.36 5.84 -2.21
CA SER A 635 4.68 5.07 -3.25
C SER A 635 4.58 5.82 -4.60
N TRP A 636 5.29 6.93 -4.71
CA TRP A 636 5.40 7.68 -5.98
C TRP A 636 6.78 7.47 -6.57
N SER A 637 7.77 7.46 -5.70
CA SER A 637 9.17 7.32 -6.10
C SER A 637 9.38 6.11 -6.99
N ARG A 638 10.03 6.32 -8.15
CA ARG A 638 10.42 5.21 -9.00
C ARG A 638 11.64 4.45 -8.42
N ASN A 639 12.18 4.92 -7.31
CA ASN A 639 13.25 4.18 -6.61
C ASN A 639 12.70 3.22 -5.55
N GLU A 640 11.42 3.32 -5.23
CA GLU A 640 10.87 2.53 -4.13
C GLU A 640 9.70 1.62 -4.56
N LEU A 641 9.74 1.20 -5.82
CA LEU A 641 8.74 0.27 -6.36
C LEU A 641 8.97 -1.10 -5.78
N HIS A 642 7.90 -1.88 -5.70
CA HIS A 642 7.95 -3.30 -5.34
C HIS A 642 8.69 -3.60 -4.05
N LEU A 643 8.30 -2.94 -2.97
CA LEU A 643 8.80 -3.26 -1.63
C LEU A 643 7.76 -4.10 -0.89
N SER A 644 8.21 -5.11 -0.14
CA SER A 644 7.27 -5.91 0.64
C SER A 644 7.12 -5.42 2.08
N ASN A 645 5.91 -5.58 2.61
CA ASN A 645 5.66 -5.35 4.03
C ASN A 645 5.97 -3.93 4.46
N VAL A 646 5.54 -2.97 3.66
CA VAL A 646 5.72 -1.56 3.98
C VAL A 646 4.41 -0.90 4.41
N VAL A 647 3.27 -1.53 4.09
CA VAL A 647 2.00 -1.07 4.63
C VAL A 647 1.90 -1.61 6.05
N GLN A 648 1.91 -0.72 7.02
CA GLN A 648 2.03 -1.11 8.41
C GLN A 648 0.97 -0.41 9.25
N TYR A 649 0.69 -0.99 10.42
CA TYR A 649 -0.36 -0.51 11.32
C TYR A 649 0.19 -0.06 12.68
N ILE A 650 -0.27 1.09 13.18
CA ILE A 650 0.11 1.50 14.52
C ILE A 650 -1.10 1.94 15.35
N ASP A 651 -0.93 1.87 16.67
CA ASP A 651 -1.95 2.29 17.62
C ASP A 651 -1.47 3.54 18.35
N LEU A 652 -2.29 4.58 18.35
CA LEU A 652 -1.95 5.82 19.02
C LEU A 652 -3.07 6.24 19.97
N GLU A 653 -2.73 7.03 20.97
CA GLU A 653 -3.72 7.61 21.85
C GLU A 653 -3.71 9.09 21.65
N ILE A 654 -4.82 9.74 22.00
CA ILE A 654 -4.98 11.16 21.76
C ILE A 654 -3.86 11.99 22.41
N ASN A 655 -3.49 11.65 23.64
CA ASN A 655 -2.39 12.33 24.33
C ASN A 655 -1.04 12.27 23.61
N ASP A 656 -0.81 11.22 22.81
CA ASP A 656 0.41 11.16 22.00
C ASP A 656 0.44 12.28 20.98
N LEU A 657 -0.72 12.57 20.41
CA LEU A 657 -0.84 13.56 19.35
C LEU A 657 -0.68 15.00 19.85
N THR A 658 -1.23 15.28 21.03
CA THR A 658 -1.30 16.64 21.56
C THR A 658 -0.05 17.10 22.32
CAE JKK B . -7.88 3.67 -10.51
CAF JKK B . -7.21 2.93 -11.54
CAG JKK B . -7.20 4.73 -9.87
CAH JKK B . -5.22 4.29 -11.28
CAI JKK B . -3.25 6.69 -8.15
CAJ JKK B . -2.13 6.17 -7.27
CAK JKK B . -5.13 6.18 -9.57
CAM JKK B . -5.90 3.24 -11.91
CAN JKK B . -5.89 5.05 -10.26
NAL JKK B . -4.12 5.66 -8.68
OAA JKK B . -0.96 8.60 -6.83
OAB JKK B . 0.04 7.10 -8.48
OAC JKK B . 0.29 6.61 -6.14
SAO JKK B . -0.61 7.16 -7.16
CL JKK B . -5.09 2.32 -13.16
CAF OPX C . -16.09 5.05 18.85
CAG OPX C . -17.57 5.17 18.73
CAH OPX C . -15.49 4.44 17.63
CAI OPX C . -18.01 5.84 17.45
CAJ OPX C . -15.95 5.11 16.34
CAK OPX C . -17.45 5.17 13.78
CAL OPX C . -16.47 6.79 12.18
CAM OPX C . -17.34 4.79 11.25
CAO OPX C . -15.94 6.54 10.82
CAP OPX C . -15.98 5.10 10.69
CAQ OPX C . -17.43 5.18 16.22
CAR OPX C . -17.54 5.80 12.37
NAN OPX C . -17.81 5.94 15.00
OAA OPX C . -19.20 7.68 13.25
OAB OPX C . -19.07 7.34 10.91
OAC OPX C . -14.63 6.98 10.71
OAD OPX C . -14.99 4.52 11.47
OAE OPX C . -20.18 5.76 12.22
SAS OPX C . -19.06 6.67 12.18
S DMS D . 27.28 3.06 -0.81
O DMS D . 27.46 3.36 -2.27
C1 DMS D . 28.34 4.21 0.13
C2 DMS D . 25.67 3.70 -0.31
S DMS E . -15.49 -13.63 -3.57
O DMS E . -16.46 -12.99 -2.62
C1 DMS E . -16.01 -13.40 -5.28
C2 DMS E . -14.02 -12.60 -3.60
S DMS F . -15.41 8.02 28.15
O DMS F . -14.57 8.05 26.91
C1 DMS F . -14.40 8.77 29.45
C2 DMS F . -16.73 9.25 27.95
#